data_8HPP
#
_entry.id   8HPP
#
_cell.length_a   260.119
_cell.length_b   46.241
_cell.length_c   103.104
_cell.angle_alpha   90.000
_cell.angle_beta   113.280
_cell.angle_gamma   90.000
#
_symmetry.space_group_name_H-M   'C 1 2 1'
#
loop_
_entity.id
_entity.type
_entity.pdbx_description
1 polymer 'Integrator complex subunit 3'
2 polymer 'Sarcoma antigen 1'
#
loop_
_entity_poly.entity_id
_entity_poly.type
_entity_poly.pdbx_seq_one_letter_code
_entity_poly.pdbx_strand_id
1 'polypeptide(L)'
;DQLDESLRDKVLQLQKGSDTEAQCEVMQEIVDQVLEEDFDSEQLSVLASCLQELFKAHFRGEVLPEEITEESLEESVGKP
LYLIFRNLCQMQEDNSSFSLLLDLLSELYQKQPKIGYHLLYYLRASKAAAGKMNLYESFAQATQLGDLHTCLMMDMKACQ
EDDVRLLCHLTPSIYTEFPDETLRSGELLNMIVAVIDSAQLQELVCHVMMGNLVMFRKDSVLNILIQSLDWETFEQYCAW
QLFLAHNIPLETIIPILQHLKYKEHPEALSCLLLQLRREKPSEEMVKMVLSRPCHPDDQFTTSILRHWCMKHDELLAEHI
KSLLIKNNSLPRKRQSLRSSSSKLAQLTLEQILEHLDNLRLNLTNTKQNFFSQTPILQALQHVQASCDEAHKMKFSDLFS
LAEEYEDSSTKPPKSRRKAALSSPRSRKNATQPPNAEEESGSSSASEEEDTKPKPTKRKRKGSSAVGSDSD
;
A,B
2 'polypeptide(L)'
;PGSAMAKKINDDIKYQLMKEVRRFGQNYERIFILLEEVQGSMKVKRQFVEFTIKEAARFKKVVLIQQLEKALKEIDSHCH
LRKVKHMRKR
;
C
#
# COMPACT_ATOMS: atom_id res chain seq x y z
N ASP A 1 29.07 23.40 -44.96
CA ASP A 1 28.24 22.90 -43.81
C ASP A 1 27.42 24.04 -43.22
N GLN A 2 27.99 25.26 -43.27
CA GLN A 2 27.39 26.43 -42.64
C GLN A 2 26.10 26.81 -43.36
N LEU A 3 25.27 27.59 -42.66
CA LEU A 3 23.87 27.81 -43.04
C LEU A 3 23.78 28.56 -44.36
N ASP A 4 22.73 28.22 -45.14
CA ASP A 4 22.32 28.95 -46.32
C ASP A 4 21.73 30.28 -45.89
N GLU A 5 22.13 31.37 -46.58
CA GLU A 5 21.87 32.73 -46.13
C GLU A 5 20.38 33.06 -46.18
N SER A 6 19.65 32.46 -47.12
CA SER A 6 18.21 32.64 -47.25
C SER A 6 17.51 32.12 -46.00
N LEU A 7 18.03 31.01 -45.45
CA LEU A 7 17.49 30.36 -44.27
C LEU A 7 17.99 31.05 -43.01
N ARG A 8 19.25 31.52 -43.05
CA ARG A 8 19.99 31.93 -41.87
C ARG A 8 19.36 33.14 -41.20
N ASP A 9 18.87 34.09 -42.00
CA ASP A 9 18.37 35.36 -41.50
C ASP A 9 17.11 35.15 -40.66
N LYS A 10 16.33 34.12 -41.03
CA LYS A 10 15.01 33.90 -40.46
C LYS A 10 15.09 33.05 -39.20
N VAL A 11 16.31 32.60 -38.85
CA VAL A 11 16.53 31.73 -37.72
C VAL A 11 16.35 32.53 -36.43
N LEU A 12 17.00 33.69 -36.35
CA LEU A 12 17.08 34.46 -35.12
C LEU A 12 16.07 35.60 -35.11
N GLN A 13 15.09 35.54 -36.03
CA GLN A 13 13.93 36.42 -35.98
C GLN A 13 12.99 35.95 -34.89
N LEU A 14 12.94 34.62 -34.71
CA LEU A 14 12.22 33.96 -33.63
C LEU A 14 12.84 34.34 -32.30
N GLN A 15 14.17 34.55 -32.32
CA GLN A 15 14.96 34.84 -31.14
C GLN A 15 14.75 36.29 -30.71
N LYS A 16 14.84 37.20 -31.68
CA LYS A 16 14.67 38.63 -31.43
C LYS A 16 13.22 38.92 -31.07
N GLY A 17 12.34 38.92 -32.08
CA GLY A 17 10.91 39.06 -31.88
C GLY A 17 10.31 37.74 -31.41
N SER A 18 10.35 37.51 -30.09
CA SER A 18 9.90 36.26 -29.51
C SER A 18 8.40 36.34 -29.17
N ASP A 19 7.60 36.59 -30.21
CA ASP A 19 6.14 36.65 -30.10
C ASP A 19 5.53 35.54 -30.94
N THR A 20 4.54 34.85 -30.35
CA THR A 20 3.99 33.59 -30.82
C THR A 20 3.77 33.60 -32.33
N GLU A 21 2.71 34.30 -32.77
CA GLU A 21 2.11 34.16 -34.10
C GLU A 21 3.17 34.29 -35.19
N ALA A 22 3.99 35.35 -35.10
CA ALA A 22 4.95 35.71 -36.12
C ALA A 22 6.02 34.63 -36.27
N GLN A 23 6.46 34.09 -35.12
CA GLN A 23 7.50 33.06 -35.06
C GLN A 23 7.07 31.84 -35.84
N CYS A 24 5.78 31.48 -35.73
CA CYS A 24 5.21 30.29 -36.32
C CYS A 24 5.06 30.47 -37.83
N GLU A 25 4.83 31.71 -38.26
CA GLU A 25 4.76 32.05 -39.67
C GLU A 25 6.19 32.13 -40.21
N VAL A 26 7.14 32.47 -39.33
CA VAL A 26 8.55 32.50 -39.65
C VAL A 26 9.09 31.07 -39.73
N MET A 27 8.45 30.16 -38.99
CA MET A 27 8.86 28.76 -38.97
C MET A 27 8.28 28.04 -40.18
N GLN A 28 7.08 28.46 -40.61
CA GLN A 28 6.41 27.89 -41.77
C GLN A 28 7.27 28.08 -43.01
N GLU A 29 8.07 29.16 -43.01
CA GLU A 29 8.92 29.53 -44.13
C GLU A 29 10.07 28.52 -44.26
N ILE A 30 10.46 27.91 -43.13
CA ILE A 30 11.58 26.97 -43.11
C ILE A 30 11.14 25.65 -43.72
N VAL A 31 9.84 25.37 -43.63
CA VAL A 31 9.26 24.14 -44.18
C VAL A 31 9.30 24.22 -45.71
N ASP A 32 9.08 25.42 -46.24
CA ASP A 32 9.02 25.65 -47.67
C ASP A 32 10.43 25.82 -48.24
N GLN A 33 11.41 26.04 -47.33
CA GLN A 33 12.79 26.28 -47.72
C GLN A 33 13.60 24.99 -47.63
N VAL A 34 12.93 23.91 -47.18
CA VAL A 34 13.54 22.60 -47.05
C VAL A 34 13.24 21.77 -48.30
N LEU A 35 12.20 22.17 -49.06
CA LEU A 35 11.81 21.46 -50.26
C LEU A 35 12.68 21.74 -51.49
N GLU A 36 12.39 22.85 -52.19
CA GLU A 36 13.15 23.29 -53.34
C GLU A 36 13.60 22.01 -54.05
N GLU A 37 14.91 21.89 -54.27
CA GLU A 37 15.51 20.73 -54.92
C GLU A 37 16.41 19.96 -53.96
N ASP A 38 17.56 19.50 -54.48
CA ASP A 38 18.53 18.74 -53.70
C ASP A 38 18.80 19.39 -52.35
N PHE A 39 19.38 20.60 -52.38
CA PHE A 39 19.69 21.39 -51.19
C PHE A 39 20.55 20.56 -50.22
N ASP A 40 21.75 20.19 -50.68
CA ASP A 40 22.69 19.38 -49.93
C ASP A 40 22.06 18.04 -49.55
N SER A 41 22.35 17.57 -48.34
CA SER A 41 21.84 16.30 -47.83
C SER A 41 21.94 16.27 -46.31
N GLU A 42 23.17 16.39 -45.80
CA GLU A 42 23.43 16.34 -44.37
C GLU A 42 23.57 17.75 -43.81
N GLN A 43 22.69 18.64 -44.25
CA GLN A 43 22.67 20.03 -43.80
C GLN A 43 21.81 20.15 -42.53
N LEU A 44 20.97 19.13 -42.29
CA LEU A 44 20.01 19.11 -41.20
C LEU A 44 20.75 18.93 -39.87
N SER A 45 21.92 18.28 -39.94
CA SER A 45 22.75 17.98 -38.78
C SER A 45 23.01 19.25 -37.97
N VAL A 46 23.44 20.31 -38.67
CA VAL A 46 23.73 21.59 -38.05
C VAL A 46 22.45 22.42 -37.95
N LEU A 47 21.45 22.08 -38.78
CA LEU A 47 20.17 22.78 -38.82
C LEU A 47 19.39 22.47 -37.54
N ALA A 48 19.41 21.20 -37.13
CA ALA A 48 18.71 20.74 -35.95
C ALA A 48 19.44 21.24 -34.70
N SER A 49 20.76 21.38 -34.81
CA SER A 49 21.61 21.80 -33.70
C SER A 49 21.25 23.22 -33.26
N CYS A 50 21.03 24.11 -34.25
CA CYS A 50 20.74 25.51 -34.00
C CYS A 50 19.31 25.67 -33.45
N LEU A 51 18.36 24.97 -34.08
CA LEU A 51 16.97 24.98 -33.67
C LEU A 51 16.85 24.37 -32.27
N GLN A 52 17.72 23.39 -31.97
CA GLN A 52 17.79 22.75 -30.67
C GLN A 52 18.23 23.78 -29.63
N GLU A 53 19.29 24.53 -29.97
CA GLU A 53 19.86 25.55 -29.11
C GLU A 53 18.86 26.70 -28.95
N LEU A 54 17.94 26.81 -29.92
CA LEU A 54 16.92 27.86 -29.94
C LEU A 54 15.71 27.42 -29.12
N PHE A 55 15.34 26.14 -29.24
CA PHE A 55 14.07 25.65 -28.72
C PHE A 55 14.26 25.00 -27.35
N LYS A 56 15.51 24.90 -26.88
CA LYS A 56 15.78 24.43 -25.52
C LYS A 56 15.17 25.42 -24.53
N ALA A 57 14.47 26.43 -25.07
CA ALA A 57 13.85 27.49 -24.29
C ALA A 57 12.56 26.99 -23.63
N HIS A 58 11.90 26.00 -24.26
CA HIS A 58 10.64 25.49 -23.75
C HIS A 58 10.73 24.00 -23.42
N PHE A 59 11.95 23.44 -23.50
CA PHE A 59 12.19 22.05 -23.16
C PHE A 59 12.56 21.92 -21.68
N ARG A 60 12.15 22.92 -20.89
CA ARG A 60 12.34 22.91 -19.45
C ARG A 60 11.00 23.14 -18.76
N GLY A 61 10.19 24.05 -19.33
CA GLY A 61 8.87 24.36 -18.79
C GLY A 61 7.86 23.26 -19.10
N GLU A 62 7.31 22.66 -18.03
CA GLU A 62 6.36 21.54 -18.10
C GLU A 62 5.24 21.86 -19.11
N VAL A 63 4.76 20.81 -19.79
CA VAL A 63 4.07 20.96 -21.05
C VAL A 63 2.55 21.08 -20.84
N LEU A 64 1.99 20.26 -19.96
CA LEU A 64 0.55 20.25 -19.75
C LEU A 64 0.12 21.57 -19.12
N PRO A 65 -0.94 22.21 -19.66
CA PRO A 65 -1.51 23.42 -19.06
C PRO A 65 -2.06 23.15 -17.66
N GLU A 66 -2.33 24.24 -16.91
CA GLU A 66 -2.95 24.16 -15.61
C GLU A 66 -4.39 23.67 -15.74
N GLU A 67 -5.11 24.23 -16.73
CA GLU A 67 -6.47 23.82 -17.04
C GLU A 67 -6.46 22.82 -18.19
N ILE A 68 -7.19 21.71 -18.03
CA ILE A 68 -7.21 20.65 -19.02
C ILE A 68 -8.57 20.63 -19.72
N THR A 69 -8.81 21.63 -20.57
CA THR A 69 -9.94 21.59 -21.49
C THR A 69 -9.41 21.30 -22.90
N GLU A 70 -10.31 20.88 -23.78
CA GLU A 70 -9.97 20.49 -25.14
C GLU A 70 -9.51 21.71 -25.94
N GLU A 71 -9.82 22.91 -25.43
CA GLU A 71 -9.41 24.17 -26.04
C GLU A 71 -8.12 24.65 -25.38
N SER A 72 -7.89 24.23 -24.14
CA SER A 72 -6.65 24.52 -23.42
C SER A 72 -5.51 23.72 -24.05
N LEU A 73 -5.85 22.56 -24.61
CA LEU A 73 -4.90 21.70 -25.30
C LEU A 73 -4.45 22.36 -26.59
N GLU A 74 -5.43 22.82 -27.38
CA GLU A 74 -5.18 23.47 -28.67
C GLU A 74 -4.50 24.82 -28.45
N GLU A 75 -4.86 25.48 -27.35
CA GLU A 75 -4.33 26.79 -26.99
C GLU A 75 -2.84 26.68 -26.64
N SER A 76 -2.46 25.54 -26.03
CA SER A 76 -1.13 25.35 -25.47
C SER A 76 -0.13 24.92 -26.56
N VAL A 77 -0.64 24.21 -27.58
CA VAL A 77 0.21 23.59 -28.58
C VAL A 77 0.55 24.60 -29.69
N GLY A 78 0.21 25.88 -29.48
CA GLY A 78 0.50 26.91 -30.45
C GLY A 78 1.95 27.38 -30.36
N LYS A 79 2.88 26.43 -30.34
CA LYS A 79 4.31 26.70 -30.25
C LYS A 79 4.96 26.40 -31.60
N PRO A 80 5.97 27.20 -32.01
CA PRO A 80 6.60 27.07 -33.33
C PRO A 80 7.08 25.65 -33.69
N LEU A 81 7.60 24.94 -32.69
CA LEU A 81 8.14 23.60 -32.91
C LEU A 81 7.01 22.64 -33.28
N TYR A 82 5.80 22.93 -32.80
CA TYR A 82 4.68 22.02 -32.94
C TYR A 82 4.09 22.07 -34.35
N LEU A 83 4.33 23.18 -35.07
CA LEU A 83 3.81 23.33 -36.42
C LEU A 83 4.55 22.38 -37.35
N ILE A 84 5.79 22.05 -36.98
CA ILE A 84 6.63 21.12 -37.73
C ILE A 84 5.95 19.75 -37.78
N PHE A 85 5.16 19.44 -36.74
CA PHE A 85 4.39 18.20 -36.70
C PHE A 85 3.20 18.32 -37.64
N ARG A 86 2.52 19.47 -37.57
CA ARG A 86 1.23 19.71 -38.23
C ARG A 86 1.31 19.38 -39.71
N ASN A 87 2.45 19.71 -40.34
CA ASN A 87 2.66 19.51 -41.76
C ASN A 87 2.62 18.02 -42.09
N LEU A 88 3.23 17.20 -41.22
CA LEU A 88 3.36 15.77 -41.42
C LEU A 88 2.02 15.06 -41.24
N CYS A 89 1.13 15.68 -40.46
CA CYS A 89 -0.21 15.16 -40.24
C CYS A 89 -1.05 15.34 -41.51
N GLN A 90 -0.69 16.37 -42.29
CA GLN A 90 -1.43 16.76 -43.49
C GLN A 90 -0.63 16.36 -44.73
N MET A 91 -0.24 15.07 -44.79
CA MET A 91 0.51 14.54 -45.91
C MET A 91 0.10 13.09 -46.19
N GLN A 92 1.09 12.25 -46.52
CA GLN A 92 0.89 10.87 -46.94
C GLN A 92 2.19 10.09 -46.75
N GLU A 93 2.06 8.76 -46.67
CA GLU A 93 3.17 7.86 -46.39
C GLU A 93 4.02 7.64 -47.65
N ASP A 94 3.49 8.07 -48.80
CA ASP A 94 4.12 7.87 -50.09
C ASP A 94 4.38 9.21 -50.78
N ASN A 95 5.24 10.03 -50.16
CA ASN A 95 5.60 11.33 -50.69
C ASN A 95 7.11 11.49 -50.66
N SER A 96 7.64 12.26 -51.62
CA SER A 96 9.06 12.51 -51.74
C SER A 96 9.53 13.43 -50.62
N SER A 97 8.72 14.44 -50.31
CA SER A 97 9.01 15.45 -49.30
C SER A 97 8.87 14.86 -47.90
N PHE A 98 8.04 13.80 -47.79
CA PHE A 98 7.68 13.20 -46.52
C PHE A 98 8.91 12.62 -45.84
N SER A 99 9.47 11.55 -46.42
CA SER A 99 10.60 10.81 -45.87
C SER A 99 11.84 11.69 -45.72
N LEU A 100 11.76 12.89 -46.30
CA LEU A 100 12.85 13.86 -46.21
C LEU A 100 12.62 14.74 -44.98
N LEU A 101 11.35 15.08 -44.72
CA LEU A 101 10.96 15.96 -43.63
C LEU A 101 11.06 15.21 -42.30
N LEU A 102 10.80 13.90 -42.36
CA LEU A 102 10.86 13.01 -41.22
C LEU A 102 12.31 12.87 -40.75
N ASP A 103 13.25 12.87 -41.72
CA ASP A 103 14.68 12.67 -41.48
C ASP A 103 15.26 13.86 -40.72
N LEU A 104 14.62 15.03 -40.88
CA LEU A 104 14.95 16.22 -40.12
C LEU A 104 14.71 15.95 -38.63
N LEU A 105 13.54 15.36 -38.32
CA LEU A 105 13.17 15.02 -36.97
C LEU A 105 14.12 13.95 -36.43
N SER A 106 14.37 12.92 -37.26
CA SER A 106 15.14 11.75 -36.87
C SER A 106 16.60 12.12 -36.59
N GLU A 107 16.99 13.33 -37.03
CA GLU A 107 18.32 13.86 -36.79
C GLU A 107 18.29 14.75 -35.56
N LEU A 108 17.13 15.38 -35.31
CA LEU A 108 16.94 16.28 -34.19
C LEU A 108 16.72 15.49 -32.90
N TYR A 109 16.08 14.31 -33.03
CA TYR A 109 15.79 13.43 -31.92
C TYR A 109 17.07 13.07 -31.16
N GLN A 110 18.17 12.93 -31.91
CA GLN A 110 19.46 12.58 -31.32
C GLN A 110 19.97 13.75 -30.49
N LYS A 111 19.63 14.97 -30.90
CA LYS A 111 20.12 16.16 -30.22
C LYS A 111 19.10 16.66 -29.20
N GLN A 112 17.91 16.06 -29.19
CA GLN A 112 16.91 16.35 -28.17
C GLN A 112 15.97 15.16 -28.01
N PRO A 113 16.31 14.16 -27.17
CA PRO A 113 15.49 12.95 -27.02
C PRO A 113 14.07 13.22 -26.51
N LYS A 114 13.83 14.44 -26.02
CA LYS A 114 12.56 14.81 -25.41
C LYS A 114 11.53 15.12 -26.49
N ILE A 115 11.96 15.02 -27.75
CA ILE A 115 11.09 15.22 -28.91
C ILE A 115 10.15 14.02 -29.04
N GLY A 116 10.62 12.86 -28.56
CA GLY A 116 9.90 11.59 -28.65
C GLY A 116 8.50 11.68 -28.03
N TYR A 117 8.46 11.92 -26.72
CA TYR A 117 7.20 11.99 -25.97
C TYR A 117 6.45 13.28 -26.28
N HIS A 118 7.15 14.26 -26.88
CA HIS A 118 6.52 15.50 -27.31
C HIS A 118 5.62 15.23 -28.51
N LEU A 119 6.08 14.36 -29.41
CA LEU A 119 5.30 13.90 -30.55
C LEU A 119 4.04 13.21 -30.03
N LEU A 120 4.25 12.20 -29.19
CA LEU A 120 3.18 11.46 -28.52
C LEU A 120 2.13 12.43 -27.99
N TYR A 121 2.59 13.48 -27.31
CA TYR A 121 1.71 14.47 -26.73
C TYR A 121 0.88 15.13 -27.82
N TYR A 122 1.56 15.65 -28.84
CA TYR A 122 0.94 16.48 -29.87
C TYR A 122 -0.20 15.72 -30.54
N LEU A 123 0.04 14.43 -30.83
CA LEU A 123 -0.90 13.62 -31.58
C LEU A 123 -2.22 13.51 -30.83
N ARG A 124 -2.16 13.52 -29.50
CA ARG A 124 -3.34 13.38 -28.66
C ARG A 124 -3.85 14.73 -28.19
N ALA A 125 -3.02 15.77 -28.32
CA ALA A 125 -3.34 17.11 -27.84
C ALA A 125 -4.19 17.86 -28.86
N SER A 126 -3.74 17.87 -30.11
CA SER A 126 -4.37 18.66 -31.16
C SER A 126 -5.34 17.80 -31.98
N LYS A 127 -6.44 18.43 -32.42
CA LYS A 127 -7.39 17.81 -33.34
C LYS A 127 -6.93 18.06 -34.78
N ALA A 128 -5.69 18.54 -34.92
CA ALA A 128 -5.02 18.64 -36.21
C ALA A 128 -4.58 17.26 -36.66
N ALA A 129 -4.61 16.29 -35.73
CA ALA A 129 -4.34 14.89 -36.01
C ALA A 129 -5.41 13.97 -35.43
N ALA A 130 -6.27 14.57 -34.57
CA ALA A 130 -7.39 13.93 -33.90
C ALA A 130 -6.51 12.87 -33.24
N GLY A 131 -6.72 11.60 -33.62
CA GLY A 131 -5.95 10.48 -33.10
C GLY A 131 -5.26 9.53 -34.09
N LYS A 132 -4.37 10.11 -34.91
CA LYS A 132 -3.66 9.38 -35.95
C LYS A 132 -2.22 9.15 -35.51
N MET A 133 -2.04 8.18 -34.61
CA MET A 133 -0.77 7.89 -33.96
C MET A 133 0.19 7.23 -34.96
N ASN A 134 -0.32 6.94 -36.17
CA ASN A 134 0.41 6.26 -37.23
C ASN A 134 1.71 7.00 -37.54
N LEU A 135 1.72 8.30 -37.26
CA LEU A 135 2.85 9.18 -37.50
C LEU A 135 4.05 8.75 -36.64
N TYR A 136 3.76 8.28 -35.43
CA TYR A 136 4.79 7.88 -34.49
C TYR A 136 5.44 6.58 -34.95
N GLU A 137 4.63 5.68 -35.55
CA GLU A 137 5.12 4.40 -36.05
C GLU A 137 6.10 4.66 -37.20
N SER A 138 5.80 5.67 -38.01
CA SER A 138 6.68 6.14 -39.07
C SER A 138 7.97 6.66 -38.44
N PHE A 139 7.79 7.48 -37.39
CA PHE A 139 8.87 8.13 -36.67
C PHE A 139 9.80 7.08 -36.04
N ALA A 140 9.22 5.96 -35.61
CA ALA A 140 9.95 4.90 -34.94
C ALA A 140 10.75 4.09 -35.96
N GLN A 141 10.06 3.65 -37.03
CA GLN A 141 10.67 2.85 -38.07
C GLN A 141 11.61 3.73 -38.90
N ALA A 142 11.85 4.94 -38.40
CA ALA A 142 12.75 5.91 -39.02
C ALA A 142 13.93 6.17 -38.09
N THR A 143 13.81 5.77 -36.82
CA THR A 143 14.94 5.84 -35.91
C THR A 143 15.91 4.71 -36.22
N GLN A 144 17.14 4.84 -35.73
CA GLN A 144 18.21 3.90 -36.00
C GLN A 144 17.79 2.48 -35.62
N LEU A 145 16.95 2.37 -34.58
CA LEU A 145 16.56 1.07 -34.05
C LEU A 145 15.52 0.43 -34.95
N GLY A 146 14.58 1.24 -35.44
CA GLY A 146 13.58 0.79 -36.39
C GLY A 146 12.44 0.04 -35.72
N ASP A 147 12.62 -0.33 -34.44
CA ASP A 147 11.61 -1.05 -33.69
C ASP A 147 10.71 -0.05 -32.94
N LEU A 148 9.39 -0.34 -32.95
CA LEU A 148 8.36 0.54 -32.43
C LEU A 148 8.25 0.44 -30.91
N HIS A 149 8.16 -0.80 -30.40
CA HIS A 149 8.10 -1.08 -28.97
C HIS A 149 9.27 -0.42 -28.25
N THR A 150 10.49 -0.70 -28.74
CA THR A 150 11.72 -0.25 -28.11
C THR A 150 11.79 1.28 -28.13
N CYS A 151 11.26 1.86 -29.21
CA CYS A 151 11.24 3.30 -29.44
C CYS A 151 10.24 3.97 -28.49
N LEU A 152 9.13 3.27 -28.24
CA LEU A 152 8.08 3.73 -27.35
C LEU A 152 8.55 3.66 -25.89
N MET A 153 9.21 2.55 -25.54
CA MET A 153 9.72 2.29 -24.19
C MET A 153 10.78 3.32 -23.81
N MET A 154 11.40 3.96 -24.82
CA MET A 154 12.45 4.93 -24.61
C MET A 154 11.82 6.27 -24.25
N ASP A 155 10.67 6.57 -24.88
CA ASP A 155 10.04 7.88 -24.74
C ASP A 155 9.25 7.94 -23.44
N MET A 156 8.49 6.88 -23.15
CA MET A 156 7.71 6.80 -21.92
C MET A 156 8.63 6.86 -20.71
N LYS A 157 9.77 6.15 -20.78
CA LYS A 157 10.72 6.17 -19.67
C LYS A 157 11.32 7.56 -19.56
N ALA A 158 11.63 8.16 -20.72
CA ALA A 158 12.13 9.52 -20.78
C ALA A 158 11.09 10.44 -20.15
N CYS A 159 9.81 10.14 -20.44
CA CYS A 159 8.71 10.97 -19.99
C CYS A 159 8.54 10.85 -18.48
N GLN A 160 8.76 9.65 -17.93
CA GLN A 160 8.60 9.41 -16.50
C GLN A 160 9.66 10.22 -15.75
N GLU A 161 10.85 10.29 -16.33
CA GLU A 161 11.96 11.02 -15.74
C GLU A 161 11.64 12.51 -15.71
N ASP A 162 11.00 12.99 -16.77
CA ASP A 162 10.91 14.42 -17.07
C ASP A 162 9.58 15.00 -16.56
N ASP A 163 8.45 14.37 -16.91
CA ASP A 163 7.16 14.98 -16.66
C ASP A 163 6.11 13.92 -16.31
N VAL A 164 6.13 13.48 -15.05
CA VAL A 164 5.30 12.36 -14.59
C VAL A 164 3.81 12.70 -14.73
N ARG A 165 3.48 13.99 -14.72
CA ARG A 165 2.09 14.40 -14.87
C ARG A 165 1.62 14.12 -16.29
N LEU A 166 2.54 14.30 -17.25
CA LEU A 166 2.27 13.94 -18.63
C LEU A 166 2.10 12.43 -18.75
N LEU A 167 3.02 11.67 -18.13
CA LEU A 167 2.99 10.21 -18.19
C LEU A 167 1.61 9.68 -17.78
N CYS A 168 0.97 10.34 -16.80
CA CYS A 168 -0.30 9.87 -16.28
C CYS A 168 -1.43 10.26 -17.22
N HIS A 169 -1.19 11.33 -17.99
CA HIS A 169 -2.14 11.83 -18.98
C HIS A 169 -2.09 10.95 -20.23
N LEU A 170 -0.88 10.58 -20.67
CA LEU A 170 -0.70 9.88 -21.93
C LEU A 170 -1.10 8.41 -21.81
N THR A 171 -0.90 7.83 -20.62
CA THR A 171 -1.04 6.40 -20.41
C THR A 171 -2.20 5.84 -21.24
N PRO A 172 -3.47 6.26 -21.02
CA PRO A 172 -4.61 5.62 -21.69
C PRO A 172 -4.46 5.38 -23.20
N SER A 173 -4.06 6.41 -23.95
CA SER A 173 -3.98 6.29 -25.40
C SER A 173 -2.75 5.49 -25.82
N ILE A 174 -1.73 5.46 -24.96
CA ILE A 174 -0.55 4.62 -25.20
C ILE A 174 -0.96 3.15 -25.10
N TYR A 175 -1.74 2.82 -24.07
CA TYR A 175 -2.17 1.45 -23.84
C TYR A 175 -3.27 1.09 -24.83
N THR A 176 -3.95 2.11 -25.35
CA THR A 176 -5.11 1.92 -26.22
C THR A 176 -4.65 1.76 -27.67
N GLU A 177 -3.79 2.67 -28.12
CA GLU A 177 -3.46 2.79 -29.53
C GLU A 177 -2.33 1.82 -29.90
N PHE A 178 -1.54 1.41 -28.92
CA PHE A 178 -0.46 0.47 -29.17
C PHE A 178 -0.62 -0.74 -28.25
N PRO A 179 -1.75 -1.48 -28.34
CA PRO A 179 -2.04 -2.57 -27.41
C PRO A 179 -1.03 -3.70 -27.54
N ASP A 180 -0.60 -3.94 -28.78
CA ASP A 180 0.31 -5.03 -29.09
C ASP A 180 1.64 -4.79 -28.37
N GLU A 181 2.08 -3.53 -28.39
CA GLU A 181 3.40 -3.12 -27.91
C GLU A 181 3.41 -3.03 -26.38
N THR A 182 2.24 -2.75 -25.78
CA THR A 182 2.17 -2.29 -24.40
C THR A 182 1.72 -3.40 -23.44
N LEU A 183 0.68 -4.15 -23.81
CA LEU A 183 -0.08 -4.98 -22.89
C LEU A 183 0.73 -6.15 -22.36
N ARG A 184 1.96 -6.33 -22.85
CA ARG A 184 2.68 -7.59 -22.68
C ARG A 184 3.91 -7.41 -21.80
N SER A 185 4.72 -6.40 -22.11
CA SER A 185 5.96 -6.15 -21.39
C SER A 185 5.62 -5.41 -20.10
N GLY A 186 6.17 -5.91 -18.98
CA GLY A 186 5.97 -5.33 -17.67
C GLY A 186 6.88 -4.13 -17.42
N GLU A 187 7.56 -3.68 -18.48
CA GLU A 187 8.43 -2.52 -18.45
C GLU A 187 7.58 -1.26 -18.25
N LEU A 188 6.53 -1.12 -19.06
CA LEU A 188 5.68 0.06 -19.03
C LEU A 188 4.90 0.13 -17.73
N LEU A 189 4.50 -1.03 -17.18
CA LEU A 189 3.79 -1.01 -15.90
C LEU A 189 4.75 -0.57 -14.78
N ASN A 190 5.90 -1.23 -14.67
CA ASN A 190 6.87 -0.89 -13.64
C ASN A 190 7.12 0.61 -13.65
N MET A 191 7.54 1.11 -14.81
CA MET A 191 7.73 2.51 -15.10
C MET A 191 6.63 3.35 -14.44
N ILE A 192 5.37 3.03 -14.76
CA ILE A 192 4.23 3.82 -14.32
C ILE A 192 4.04 3.73 -12.81
N VAL A 193 4.10 2.52 -12.24
CA VAL A 193 3.84 2.33 -10.82
C VAL A 193 5.06 2.75 -10.02
N ALA A 194 6.03 3.42 -10.65
CA ALA A 194 7.25 3.75 -9.96
C ALA A 194 7.30 5.25 -9.64
N VAL A 195 6.30 6.01 -10.11
CA VAL A 195 6.31 7.46 -10.00
C VAL A 195 4.97 8.01 -9.51
N ILE A 196 3.88 7.30 -9.78
CA ILE A 196 2.51 7.72 -9.49
C ILE A 196 2.29 7.79 -7.98
N ASP A 197 1.51 8.79 -7.56
CA ASP A 197 1.02 8.89 -6.20
C ASP A 197 -0.38 8.27 -6.13
N SER A 198 -0.92 8.21 -4.90
CA SER A 198 -2.19 7.56 -4.66
C SER A 198 -3.33 8.31 -5.33
N ALA A 199 -3.11 9.61 -5.60
CA ALA A 199 -4.07 10.43 -6.29
C ALA A 199 -4.18 10.00 -7.75
N GLN A 200 -3.04 9.62 -8.35
CA GLN A 200 -2.91 9.25 -9.74
C GLN A 200 -3.24 7.77 -9.93
N LEU A 201 -3.08 7.01 -8.85
CA LEU A 201 -3.41 5.60 -8.81
C LEU A 201 -4.92 5.43 -8.97
N GLN A 202 -5.71 6.26 -8.28
CA GLN A 202 -7.15 6.20 -8.35
C GLN A 202 -7.61 6.53 -9.77
N GLU A 203 -6.96 7.54 -10.38
CA GLU A 203 -7.30 8.02 -11.70
C GLU A 203 -7.17 6.88 -12.71
N LEU A 204 -6.08 6.11 -12.61
CA LEU A 204 -5.86 4.94 -13.44
C LEU A 204 -6.91 3.86 -13.14
N VAL A 205 -7.12 3.59 -11.85
CA VAL A 205 -8.04 2.56 -11.40
C VAL A 205 -9.41 2.85 -11.97
N CYS A 206 -9.77 4.13 -12.01
CA CYS A 206 -11.07 4.53 -12.53
C CYS A 206 -11.15 4.37 -14.04
N HIS A 207 -10.10 4.80 -14.76
CA HIS A 207 -10.06 4.65 -16.21
C HIS A 207 -10.34 3.20 -16.61
N VAL A 208 -9.71 2.26 -15.90
CA VAL A 208 -9.84 0.83 -16.16
C VAL A 208 -11.29 0.39 -15.96
N MET A 209 -11.89 0.82 -14.85
CA MET A 209 -13.22 0.41 -14.47
C MET A 209 -14.26 1.05 -15.36
N MET A 210 -13.94 2.22 -15.94
CA MET A 210 -14.80 2.88 -16.90
C MET A 210 -14.68 2.19 -18.26
N GLY A 211 -13.61 1.41 -18.42
CA GLY A 211 -13.36 0.65 -19.64
C GLY A 211 -12.61 1.48 -20.67
N ASN A 212 -11.89 2.49 -20.20
CA ASN A 212 -11.19 3.41 -21.08
C ASN A 212 -9.69 3.10 -21.05
N LEU A 213 -9.32 2.03 -20.33
CA LEU A 213 -7.93 1.61 -20.23
C LEU A 213 -7.85 0.13 -19.84
N VAL A 214 -7.00 -0.61 -20.56
CA VAL A 214 -6.60 -1.97 -20.20
C VAL A 214 -5.07 -2.04 -20.24
N MET A 215 -4.48 -2.56 -19.16
CA MET A 215 -3.04 -2.50 -18.96
C MET A 215 -2.44 -3.89 -18.97
N PHE A 216 -3.28 -4.90 -18.77
CA PHE A 216 -2.92 -6.29 -19.01
C PHE A 216 -4.16 -7.08 -19.39
N ARG A 217 -3.96 -8.10 -20.24
CA ARG A 217 -5.00 -9.07 -20.58
C ARG A 217 -4.64 -10.40 -19.91
N LYS A 218 -5.58 -11.36 -19.91
CA LYS A 218 -5.48 -12.53 -19.05
C LYS A 218 -4.30 -13.41 -19.42
N ASP A 219 -3.95 -13.45 -20.71
CA ASP A 219 -2.90 -14.33 -21.21
C ASP A 219 -1.52 -13.72 -20.99
N SER A 220 -1.45 -12.47 -20.50
CA SER A 220 -0.16 -11.81 -20.31
C SER A 220 0.12 -11.55 -18.83
N VAL A 221 -0.92 -11.44 -18.01
CA VAL A 221 -0.80 -10.83 -16.69
C VAL A 221 0.10 -11.68 -15.78
N LEU A 222 -0.14 -12.99 -15.70
CA LEU A 222 0.55 -13.78 -14.70
C LEU A 222 2.06 -13.58 -14.79
N ASN A 223 2.55 -13.34 -16.01
CA ASN A 223 3.97 -13.17 -16.22
C ASN A 223 4.42 -11.82 -15.65
N ILE A 224 3.66 -10.76 -15.96
CA ILE A 224 3.92 -9.44 -15.43
C ILE A 224 4.01 -9.48 -13.90
N LEU A 225 3.13 -10.25 -13.24
CA LEU A 225 3.08 -10.30 -11.80
C LEU A 225 4.32 -10.99 -11.22
N ILE A 226 4.73 -12.10 -11.82
CA ILE A 226 5.94 -12.74 -11.34
C ILE A 226 7.09 -11.74 -11.33
N GLN A 227 7.08 -10.81 -12.30
CA GLN A 227 8.13 -9.82 -12.45
C GLN A 227 8.08 -8.82 -11.30
N SER A 228 6.87 -8.48 -10.87
CA SER A 228 6.67 -7.44 -9.88
C SER A 228 7.10 -7.95 -8.50
N LEU A 229 7.24 -9.26 -8.36
CA LEU A 229 7.74 -9.82 -7.11
C LEU A 229 9.09 -9.19 -6.80
N ASP A 230 9.71 -8.62 -7.84
CA ASP A 230 11.07 -8.10 -7.75
C ASP A 230 11.06 -6.59 -7.66
N TRP A 231 9.88 -5.99 -7.52
CA TRP A 231 9.80 -4.54 -7.51
C TRP A 231 9.86 -3.98 -6.09
N GLU A 232 9.75 -2.65 -5.98
CA GLU A 232 9.72 -1.98 -4.69
C GLU A 232 8.34 -2.20 -4.09
N THR A 233 8.26 -2.07 -2.76
CA THR A 233 7.05 -2.36 -2.00
C THR A 233 5.85 -1.66 -2.62
N PHE A 234 5.86 -0.34 -2.70
CA PHE A 234 4.67 0.38 -3.13
C PHE A 234 4.34 0.03 -4.58
N GLU A 235 5.38 -0.11 -5.41
CA GLU A 235 5.21 -0.47 -6.81
C GLU A 235 4.33 -1.70 -6.93
N GLN A 236 4.60 -2.69 -6.07
CA GLN A 236 3.81 -3.90 -5.92
C GLN A 236 2.39 -3.60 -5.44
N TYR A 237 2.25 -2.83 -4.36
CA TYR A 237 0.93 -2.53 -3.83
C TYR A 237 0.07 -1.98 -4.96
N CYS A 238 0.62 -1.04 -5.73
CA CYS A 238 -0.11 -0.36 -6.80
C CYS A 238 -0.47 -1.37 -7.88
N ALA A 239 0.53 -2.18 -8.25
CA ALA A 239 0.35 -3.24 -9.25
C ALA A 239 -0.88 -4.07 -8.90
N TRP A 240 -0.89 -4.60 -7.67
CA TRP A 240 -1.98 -5.43 -7.19
C TRP A 240 -3.31 -4.67 -7.19
N GLN A 241 -3.28 -3.35 -6.98
CA GLN A 241 -4.53 -2.60 -7.05
C GLN A 241 -5.05 -2.54 -8.48
N LEU A 242 -4.17 -2.21 -9.43
CA LEU A 242 -4.56 -2.12 -10.83
C LEU A 242 -5.09 -3.47 -11.31
N PHE A 243 -4.49 -4.55 -10.80
CA PHE A 243 -4.98 -5.88 -11.16
C PHE A 243 -6.43 -6.02 -10.74
N LEU A 244 -6.68 -5.74 -9.45
CA LEU A 244 -8.00 -5.83 -8.86
C LEU A 244 -9.02 -4.99 -9.62
N ALA A 245 -8.57 -4.08 -10.49
CA ALA A 245 -9.47 -3.18 -11.19
C ALA A 245 -9.88 -3.71 -12.56
N HIS A 246 -9.09 -4.64 -13.12
CA HIS A 246 -9.32 -5.13 -14.47
C HIS A 246 -10.43 -6.17 -14.46
N ASN A 247 -10.59 -6.84 -13.33
CA ASN A 247 -11.52 -7.96 -13.26
C ASN A 247 -11.09 -8.99 -14.32
N ILE A 248 -9.84 -9.42 -14.20
CA ILE A 248 -9.34 -10.69 -14.68
C ILE A 248 -9.51 -11.68 -13.54
N PRO A 249 -10.05 -12.90 -13.75
CA PRO A 249 -10.32 -13.80 -12.62
C PRO A 249 -9.03 -14.16 -11.88
N LEU A 250 -9.16 -14.21 -10.55
CA LEU A 250 -8.10 -14.63 -9.64
C LEU A 250 -7.57 -16.00 -10.02
N GLU A 251 -8.41 -16.81 -10.68
CA GLU A 251 -8.02 -18.15 -11.09
C GLU A 251 -6.79 -18.06 -12.00
N THR A 252 -6.79 -17.06 -12.89
CA THR A 252 -5.77 -16.90 -13.91
C THR A 252 -4.38 -16.86 -13.27
N ILE A 253 -4.24 -16.10 -12.19
CA ILE A 253 -2.94 -15.76 -11.64
C ILE A 253 -2.65 -16.59 -10.39
N ILE A 254 -3.45 -17.62 -10.15
CA ILE A 254 -3.37 -18.30 -8.87
C ILE A 254 -2.08 -19.11 -8.79
N PRO A 255 -1.56 -19.65 -9.93
CA PRO A 255 -0.30 -20.40 -9.92
C PRO A 255 0.91 -19.67 -9.35
N ILE A 256 0.79 -18.33 -9.22
CA ILE A 256 1.84 -17.47 -8.69
C ILE A 256 2.27 -17.93 -7.29
N LEU A 257 1.41 -18.65 -6.58
CA LEU A 257 1.64 -18.96 -5.17
C LEU A 257 2.91 -19.78 -4.98
N GLN A 258 3.24 -20.63 -5.97
CA GLN A 258 4.41 -21.49 -5.86
C GLN A 258 5.66 -20.63 -5.68
N HIS A 259 5.61 -19.42 -6.21
CA HIS A 259 6.73 -18.48 -6.25
C HIS A 259 6.83 -17.70 -4.94
N LEU A 260 5.68 -17.35 -4.35
CA LEU A 260 5.61 -16.48 -3.18
C LEU A 260 6.31 -17.14 -1.98
N LYS A 261 7.31 -16.44 -1.43
CA LYS A 261 8.10 -16.96 -0.33
C LYS A 261 7.76 -16.21 0.96
N TYR A 262 7.67 -16.95 2.07
CA TYR A 262 7.28 -16.37 3.35
C TYR A 262 8.07 -15.09 3.59
N LYS A 263 9.40 -15.23 3.65
CA LYS A 263 10.26 -14.19 4.21
C LYS A 263 10.51 -13.07 3.20
N GLU A 264 9.94 -13.16 1.98
CA GLU A 264 10.40 -12.21 0.98
C GLU A 264 9.32 -11.74 0.00
N HIS A 265 8.07 -12.20 0.12
CA HIS A 265 7.03 -11.56 -0.69
C HIS A 265 5.84 -11.17 0.19
N PRO A 266 6.02 -10.35 1.23
CA PRO A 266 4.92 -10.02 2.14
C PRO A 266 3.82 -9.28 1.41
N GLU A 267 4.19 -8.39 0.48
CA GLU A 267 3.24 -7.51 -0.20
C GLU A 267 2.20 -8.34 -0.95
N ALA A 268 2.69 -9.21 -1.84
CA ALA A 268 1.84 -10.03 -2.70
C ALA A 268 1.11 -11.08 -1.88
N LEU A 269 1.77 -11.62 -0.85
CA LEU A 269 1.09 -12.52 0.07
C LEU A 269 -0.12 -11.83 0.71
N SER A 270 0.04 -10.60 1.25
CA SER A 270 -1.08 -9.81 1.75
C SER A 270 -2.14 -9.69 0.66
N CYS A 271 -1.74 -9.10 -0.46
CA CYS A 271 -2.68 -8.76 -1.50
C CYS A 271 -3.50 -9.98 -1.88
N LEU A 272 -2.82 -11.10 -2.10
CA LEU A 272 -3.43 -12.34 -2.53
C LEU A 272 -4.34 -12.87 -1.42
N LEU A 273 -3.83 -12.89 -0.18
CA LEU A 273 -4.55 -13.44 0.95
C LEU A 273 -5.92 -12.78 1.07
N LEU A 274 -5.99 -11.48 0.81
CA LEU A 274 -7.26 -10.78 1.02
C LEU A 274 -8.16 -10.92 -0.21
N GLN A 275 -7.60 -11.42 -1.33
CA GLN A 275 -8.42 -11.67 -2.50
C GLN A 275 -9.05 -13.05 -2.42
N LEU A 276 -8.31 -13.99 -1.82
CA LEU A 276 -8.73 -15.37 -1.72
C LEU A 276 -9.92 -15.47 -0.76
N ARG A 277 -10.01 -14.53 0.18
CA ARG A 277 -11.11 -14.42 1.11
C ARG A 277 -12.45 -14.33 0.37
N ARG A 278 -12.48 -13.63 -0.78
CA ARG A 278 -13.70 -13.37 -1.51
C ARG A 278 -14.12 -14.54 -2.42
N GLU A 279 -13.27 -15.56 -2.54
CA GLU A 279 -13.49 -16.57 -3.56
C GLU A 279 -14.09 -17.82 -2.95
N LYS A 280 -15.06 -18.41 -3.68
CA LYS A 280 -15.40 -19.80 -3.45
C LYS A 280 -14.17 -20.61 -3.83
N PRO A 281 -13.55 -21.35 -2.89
CA PRO A 281 -12.34 -22.11 -3.17
C PRO A 281 -12.56 -23.15 -4.27
N SER A 282 -11.72 -23.11 -5.30
CA SER A 282 -11.75 -24.15 -6.31
C SER A 282 -10.75 -25.26 -5.95
N GLU A 283 -10.82 -26.37 -6.70
CA GLU A 283 -9.87 -27.47 -6.64
C GLU A 283 -8.45 -26.90 -6.74
N GLU A 284 -8.20 -26.13 -7.81
CA GLU A 284 -6.89 -25.53 -8.05
C GLU A 284 -6.42 -24.75 -6.82
N MET A 285 -7.23 -23.79 -6.37
CA MET A 285 -6.84 -22.87 -5.31
C MET A 285 -6.39 -23.66 -4.07
N VAL A 286 -7.14 -24.71 -3.73
CA VAL A 286 -6.86 -25.53 -2.56
C VAL A 286 -5.52 -26.25 -2.77
N LYS A 287 -5.27 -26.70 -4.01
CA LYS A 287 -4.05 -27.41 -4.36
C LYS A 287 -2.86 -26.46 -4.20
N MET A 288 -3.01 -25.23 -4.72
CA MET A 288 -1.98 -24.21 -4.65
C MET A 288 -1.65 -23.88 -3.20
N VAL A 289 -2.69 -23.55 -2.41
CA VAL A 289 -2.50 -23.10 -1.04
C VAL A 289 -1.75 -24.17 -0.24
N LEU A 290 -2.12 -25.44 -0.46
CA LEU A 290 -1.55 -26.53 0.31
C LEU A 290 -0.09 -26.77 -0.08
N SER A 291 0.24 -26.41 -1.33
CA SER A 291 1.54 -26.66 -1.94
C SER A 291 2.66 -25.90 -1.24
N ARG A 292 2.36 -24.71 -0.73
CA ARG A 292 3.37 -23.90 -0.05
C ARG A 292 4.07 -24.73 1.02
N PRO A 293 5.40 -24.57 1.19
CA PRO A 293 6.14 -25.25 2.27
C PRO A 293 5.62 -24.89 3.66
N CYS A 294 5.64 -25.87 4.57
CA CYS A 294 5.16 -25.68 5.93
C CYS A 294 6.26 -25.00 6.75
N HIS A 295 6.12 -23.68 6.90
CA HIS A 295 7.11 -22.90 7.61
C HIS A 295 6.48 -22.33 8.88
N PRO A 296 6.97 -22.73 10.07
CA PRO A 296 6.27 -22.46 11.33
C PRO A 296 6.05 -20.99 11.66
N ASP A 297 6.59 -20.10 10.81
CA ASP A 297 6.40 -18.67 10.97
C ASP A 297 5.50 -18.13 9.85
N ASP A 298 5.20 -18.99 8.86
CA ASP A 298 4.30 -18.62 7.78
C ASP A 298 2.87 -18.95 8.22
N GLN A 299 2.00 -17.94 8.21
CA GLN A 299 0.63 -18.09 8.67
C GLN A 299 -0.35 -17.83 7.53
N PHE A 300 0.16 -17.74 6.30
CA PHE A 300 -0.68 -17.54 5.13
C PHE A 300 -1.66 -18.70 4.99
N THR A 301 -1.15 -19.92 5.14
CA THR A 301 -1.90 -21.12 4.80
C THR A 301 -3.10 -21.28 5.71
N THR A 302 -2.86 -21.36 7.01
CA THR A 302 -3.93 -21.69 7.94
C THR A 302 -4.88 -20.49 8.04
N SER A 303 -4.39 -19.31 7.66
CA SER A 303 -5.20 -18.11 7.63
C SER A 303 -6.28 -18.21 6.56
N ILE A 304 -5.91 -18.65 5.35
CA ILE A 304 -6.90 -18.78 4.30
C ILE A 304 -7.69 -20.08 4.50
N LEU A 305 -7.08 -21.08 5.15
CA LEU A 305 -7.81 -22.31 5.41
C LEU A 305 -8.95 -22.01 6.38
N ARG A 306 -8.60 -21.53 7.59
CA ARG A 306 -9.60 -21.15 8.57
C ARG A 306 -10.77 -20.42 7.90
N HIS A 307 -10.48 -19.37 7.13
CA HIS A 307 -11.53 -18.50 6.64
C HIS A 307 -12.39 -19.23 5.61
N TRP A 308 -11.78 -20.15 4.87
CA TRP A 308 -12.55 -20.91 3.90
C TRP A 308 -13.36 -21.97 4.63
N CYS A 309 -12.71 -22.56 5.63
CA CYS A 309 -13.30 -23.69 6.33
C CYS A 309 -14.49 -23.20 7.15
N MET A 310 -14.69 -21.89 7.18
CA MET A 310 -15.72 -21.31 8.01
C MET A 310 -16.80 -20.59 7.20
N LYS A 311 -16.50 -20.22 5.95
CA LYS A 311 -17.52 -19.69 5.06
C LYS A 311 -18.03 -20.82 4.17
N HIS A 312 -17.12 -21.69 3.75
CA HIS A 312 -17.40 -22.72 2.77
C HIS A 312 -16.91 -24.09 3.24
N ASP A 313 -17.41 -24.57 4.38
CA ASP A 313 -16.91 -25.78 5.02
C ASP A 313 -16.99 -27.00 4.11
N GLU A 314 -18.15 -27.20 3.47
CA GLU A 314 -18.38 -28.43 2.72
C GLU A 314 -17.55 -28.45 1.45
N LEU A 315 -17.53 -27.31 0.76
CA LEU A 315 -16.83 -27.18 -0.51
C LEU A 315 -15.34 -27.43 -0.30
N LEU A 316 -14.81 -26.92 0.82
CA LEU A 316 -13.40 -27.10 1.10
C LEU A 316 -13.12 -28.58 1.35
N ALA A 317 -13.88 -29.18 2.28
CA ALA A 317 -13.73 -30.57 2.65
C ALA A 317 -13.78 -31.46 1.41
N GLU A 318 -14.63 -31.06 0.45
CA GLU A 318 -14.71 -31.74 -0.84
C GLU A 318 -13.34 -31.71 -1.49
N HIS A 319 -12.78 -30.51 -1.61
CA HIS A 319 -11.56 -30.28 -2.34
C HIS A 319 -10.41 -30.98 -1.64
N ILE A 320 -10.47 -31.01 -0.30
CA ILE A 320 -9.41 -31.64 0.47
C ILE A 320 -9.42 -33.15 0.25
N LYS A 321 -10.60 -33.77 0.27
CA LYS A 321 -10.71 -35.17 -0.12
C LYS A 321 -10.14 -35.34 -1.52
N SER A 322 -10.77 -34.69 -2.49
CA SER A 322 -10.43 -34.84 -3.90
C SER A 322 -8.92 -35.02 -4.04
N LEU A 323 -8.15 -34.13 -3.41
CA LEU A 323 -6.70 -34.10 -3.54
C LEU A 323 -6.06 -35.29 -2.82
N LEU A 324 -6.48 -35.54 -1.57
CA LEU A 324 -6.00 -36.66 -0.78
C LEU A 324 -6.11 -37.97 -1.57
N ILE A 325 -7.24 -38.17 -2.24
CA ILE A 325 -7.43 -39.30 -3.15
C ILE A 325 -6.34 -39.24 -4.22
N LYS A 326 -6.19 -38.07 -4.85
CA LYS A 326 -5.36 -37.92 -6.03
C LYS A 326 -3.88 -38.11 -5.71
N ASN A 327 -3.56 -38.33 -4.42
CA ASN A 327 -2.17 -38.33 -3.99
C ASN A 327 -1.80 -39.65 -3.32
N ASN A 328 -2.74 -40.25 -2.60
CA ASN A 328 -2.49 -41.50 -1.90
C ASN A 328 -2.13 -42.59 -2.92
N SER A 329 -2.94 -42.72 -3.97
CA SER A 329 -2.65 -43.61 -5.08
C SER A 329 -1.94 -43.64 -6.42
N LEU A 330 -2.23 -42.64 -7.27
CA LEU A 330 -1.65 -42.48 -8.60
C LEU A 330 -0.13 -42.60 -8.53
N SER A 341 5.17 -41.14 -9.40
CA SER A 341 6.32 -41.11 -8.45
C SER A 341 5.82 -41.06 -7.01
N SER A 342 5.72 -42.24 -6.39
CA SER A 342 5.32 -42.41 -5.00
C SER A 342 6.17 -41.56 -4.05
N LYS A 343 7.49 -41.53 -4.28
CA LYS A 343 8.41 -40.73 -3.47
C LYS A 343 7.91 -39.29 -3.38
N LEU A 344 7.76 -38.64 -4.54
CA LEU A 344 7.27 -37.26 -4.61
C LEU A 344 5.85 -37.17 -4.08
N ALA A 345 4.98 -38.09 -4.53
CA ALA A 345 3.60 -38.16 -4.08
C ALA A 345 3.53 -38.10 -2.56
N GLN A 346 4.30 -38.96 -1.88
CA GLN A 346 4.28 -39.10 -0.43
C GLN A 346 4.85 -37.86 0.26
N LEU A 347 5.82 -37.22 -0.41
CA LEU A 347 6.42 -35.98 0.08
C LEU A 347 5.40 -34.84 0.01
N THR A 348 4.72 -34.71 -1.14
CA THR A 348 3.67 -33.74 -1.34
C THR A 348 2.56 -33.96 -0.33
N LEU A 349 2.18 -35.23 -0.13
CA LEU A 349 1.06 -35.62 0.70
C LEU A 349 1.35 -35.31 2.17
N GLU A 350 2.64 -35.37 2.52
CA GLU A 350 3.11 -35.05 3.86
C GLU A 350 2.81 -33.58 4.15
N GLN A 351 3.12 -32.71 3.18
CA GLN A 351 2.91 -31.27 3.30
C GLN A 351 1.45 -30.95 3.59
N ILE A 352 0.55 -31.60 2.84
CA ILE A 352 -0.90 -31.45 3.00
C ILE A 352 -1.29 -31.79 4.44
N LEU A 353 -0.74 -32.91 4.94
CA LEU A 353 -1.07 -33.41 6.26
C LEU A 353 -0.63 -32.42 7.33
N GLU A 354 0.57 -31.84 7.14
CA GLU A 354 1.12 -30.87 8.07
C GLU A 354 0.24 -29.62 8.12
N HIS A 355 -0.17 -29.14 6.95
CA HIS A 355 -1.07 -28.00 6.84
C HIS A 355 -2.37 -28.29 7.57
N LEU A 356 -2.94 -29.48 7.33
CA LEU A 356 -4.20 -29.89 7.93
C LEU A 356 -4.06 -29.89 9.45
N ASP A 357 -2.91 -30.38 9.93
CA ASP A 357 -2.70 -30.46 11.37
C ASP A 357 -2.68 -29.06 11.98
N ASN A 358 -2.07 -28.10 11.28
CA ASN A 358 -2.01 -26.72 11.75
C ASN A 358 -3.41 -26.15 11.91
N LEU A 359 -4.28 -26.46 10.93
CA LEU A 359 -5.65 -26.00 10.96
C LEU A 359 -6.36 -26.66 12.14
N ARG A 360 -6.13 -27.96 12.31
CA ARG A 360 -6.73 -28.69 13.42
C ARG A 360 -6.45 -27.96 14.73
N LEU A 361 -5.21 -27.49 14.88
CA LEU A 361 -4.77 -26.91 16.14
C LEU A 361 -5.41 -25.54 16.33
N ASN A 362 -5.44 -24.76 15.25
CA ASN A 362 -6.01 -23.42 15.29
C ASN A 362 -7.48 -23.51 15.70
N LEU A 363 -8.21 -24.46 15.11
CA LEU A 363 -9.66 -24.53 15.19
C LEU A 363 -10.13 -24.89 16.60
N THR A 364 -9.18 -25.28 17.47
CA THR A 364 -9.49 -25.64 18.84
C THR A 364 -9.65 -24.38 19.70
N ASN A 365 -9.39 -23.21 19.09
CA ASN A 365 -9.58 -21.93 19.76
C ASN A 365 -10.97 -21.37 19.44
N THR A 366 -11.78 -22.14 18.70
CA THR A 366 -13.14 -21.75 18.34
C THR A 366 -14.04 -22.98 18.30
N LYS A 367 -15.30 -22.74 17.88
CA LYS A 367 -16.38 -23.71 17.95
C LYS A 367 -16.93 -23.99 16.55
N GLN A 368 -16.27 -24.90 15.83
CA GLN A 368 -16.68 -25.28 14.49
C GLN A 368 -16.37 -26.76 14.29
N ASN A 369 -17.35 -27.50 13.73
CA ASN A 369 -17.23 -28.93 13.55
C ASN A 369 -16.77 -29.23 12.12
N PHE A 370 -15.60 -28.70 11.76
CA PHE A 370 -15.03 -28.92 10.43
C PHE A 370 -14.48 -30.33 10.32
N PHE A 371 -13.54 -30.67 11.21
CA PHE A 371 -12.92 -31.98 11.19
C PHE A 371 -13.91 -33.07 11.60
N SER A 372 -15.10 -32.64 12.02
CA SER A 372 -16.15 -33.55 12.44
C SER A 372 -16.84 -34.20 11.23
N GLN A 373 -16.99 -33.43 10.14
CA GLN A 373 -17.76 -33.86 8.98
C GLN A 373 -17.06 -35.02 8.27
N THR A 374 -17.88 -35.92 7.70
CA THR A 374 -17.48 -37.27 7.35
C THR A 374 -16.49 -37.30 6.17
N PRO A 375 -16.73 -36.57 5.05
CA PRO A 375 -15.88 -36.70 3.86
C PRO A 375 -14.39 -36.56 4.19
N ILE A 376 -14.10 -35.79 5.25
CA ILE A 376 -12.75 -35.52 5.70
C ILE A 376 -12.14 -36.79 6.27
N LEU A 377 -12.91 -37.47 7.14
CA LEU A 377 -12.44 -38.67 7.82
C LEU A 377 -12.14 -39.76 6.78
N GLN A 378 -13.13 -40.04 5.92
CA GLN A 378 -13.04 -41.05 4.88
C GLN A 378 -11.70 -40.97 4.16
N ALA A 379 -11.22 -39.73 3.99
CA ALA A 379 -10.02 -39.50 3.20
C ALA A 379 -8.78 -39.66 4.07
N LEU A 380 -8.89 -39.30 5.35
CA LEU A 380 -7.78 -39.43 6.28
C LEU A 380 -7.61 -40.90 6.66
N GLN A 381 -8.73 -41.50 7.10
CA GLN A 381 -8.80 -42.91 7.44
C GLN A 381 -8.07 -43.73 6.39
N HIS A 382 -8.38 -43.43 5.12
CA HIS A 382 -7.85 -44.15 3.97
C HIS A 382 -6.35 -43.95 3.85
N VAL A 383 -5.90 -42.71 4.10
CA VAL A 383 -4.54 -42.28 3.78
C VAL A 383 -3.55 -42.85 4.81
N GLN A 384 -4.01 -43.04 6.06
CA GLN A 384 -3.14 -43.51 7.12
C GLN A 384 -2.59 -44.91 6.85
N ALA A 385 -3.46 -45.78 6.31
CA ALA A 385 -3.13 -47.17 6.04
C ALA A 385 -2.10 -47.36 4.94
N SER A 386 -1.76 -46.26 4.24
CA SER A 386 -0.80 -46.25 3.16
C SER A 386 0.32 -45.20 3.25
N CYS A 387 1.00 -45.19 4.39
CA CYS A 387 2.16 -44.33 4.61
C CYS A 387 3.04 -44.93 5.71
N ASP A 388 4.24 -44.37 5.90
CA ASP A 388 5.24 -44.91 6.80
C ASP A 388 4.82 -44.66 8.25
N GLU A 389 5.20 -45.59 9.13
CA GLU A 389 4.69 -45.67 10.49
C GLU A 389 5.37 -44.63 11.38
N ALA A 390 6.42 -43.99 10.84
CA ALA A 390 7.09 -42.90 11.54
C ALA A 390 6.17 -41.69 11.62
N HIS A 391 5.49 -41.39 10.51
CA HIS A 391 4.61 -40.24 10.41
C HIS A 391 3.30 -40.52 11.14
N LYS A 392 2.85 -41.79 11.10
CA LYS A 392 1.59 -42.21 11.67
C LYS A 392 1.48 -41.76 13.13
N MET A 393 2.63 -41.50 13.76
CA MET A 393 2.68 -41.25 15.18
C MET A 393 2.93 -39.77 15.47
N LYS A 394 3.42 -39.02 14.48
CA LYS A 394 3.51 -37.58 14.59
C LYS A 394 2.11 -36.99 14.45
N PHE A 395 1.32 -37.62 13.56
CA PHE A 395 -0.03 -37.18 13.25
C PHE A 395 -1.02 -38.04 14.02
N SER A 396 -0.66 -38.36 15.26
CA SER A 396 -1.49 -39.12 16.19
C SER A 396 -2.80 -38.38 16.40
N ASP A 397 -2.70 -37.18 16.96
CA ASP A 397 -3.84 -36.34 17.30
C ASP A 397 -4.73 -36.15 16.08
N LEU A 398 -4.11 -35.94 14.91
CA LEU A 398 -4.87 -35.68 13.70
C LEU A 398 -5.63 -36.93 13.28
N PHE A 399 -4.92 -38.06 13.18
CA PHE A 399 -5.48 -39.30 12.65
C PHE A 399 -6.41 -39.97 13.65
N SER A 400 -6.20 -39.68 14.94
CA SER A 400 -6.97 -40.28 16.01
C SER A 400 -8.43 -39.82 15.96
N LEU A 401 -8.67 -38.66 15.35
CA LEU A 401 -9.98 -38.04 15.30
C LEU A 401 -10.88 -38.73 14.27
N ALA A 402 -10.34 -39.78 13.64
CA ALA A 402 -11.06 -40.53 12.62
C ALA A 402 -11.47 -41.92 13.13
N GLU A 403 -10.76 -42.40 14.16
CA GLU A 403 -10.97 -43.72 14.75
C GLU A 403 -12.46 -44.04 14.87
N GLU A 404 -13.22 -43.08 15.42
CA GLU A 404 -14.65 -43.22 15.67
C GLU A 404 -15.42 -43.21 14.35
N TYR A 405 -15.06 -44.15 13.46
CA TYR A 405 -15.70 -44.36 12.18
C TYR A 405 -15.27 -45.72 11.63
N ASP B 1 24.48 13.31 53.90
CA ASP B 1 23.44 12.26 53.70
C ASP B 1 23.16 12.08 52.20
N GLN B 2 23.11 10.82 51.77
CA GLN B 2 22.78 10.46 50.40
C GLN B 2 22.10 9.09 50.40
N LEU B 3 22.90 8.04 50.19
CA LEU B 3 22.41 6.67 50.24
C LEU B 3 22.38 6.20 51.69
N ASP B 4 21.80 5.02 51.91
CA ASP B 4 21.89 4.34 53.19
C ASP B 4 23.24 3.63 53.26
N GLU B 5 23.93 3.75 54.41
CA GLU B 5 25.29 3.28 54.56
C GLU B 5 25.34 1.75 54.68
N SER B 6 24.28 1.16 55.24
CA SER B 6 24.18 -0.29 55.34
C SER B 6 23.80 -0.89 53.99
N LEU B 7 23.81 -0.05 52.95
CA LEU B 7 23.34 -0.43 51.62
C LEU B 7 24.26 0.11 50.53
N ARG B 8 25.24 0.95 50.91
CA ARG B 8 26.05 1.69 49.96
C ARG B 8 26.86 0.77 49.05
N ASP B 9 27.28 -0.38 49.60
CA ASP B 9 28.08 -1.35 48.85
C ASP B 9 27.21 -2.13 47.88
N LYS B 10 25.92 -2.29 48.25
CA LYS B 10 24.96 -3.03 47.44
C LYS B 10 24.64 -2.25 46.17
N VAL B 11 24.88 -0.93 46.20
CA VAL B 11 24.62 -0.01 45.10
C VAL B 11 25.57 -0.32 43.94
N LEU B 12 26.80 -0.73 44.27
CA LEU B 12 27.84 -0.95 43.27
C LEU B 12 28.27 -2.41 43.26
N GLN B 13 27.52 -3.27 43.95
CA GLN B 13 27.85 -4.69 44.09
C GLN B 13 27.74 -5.41 42.75
N LEU B 14 26.62 -5.18 42.06
CA LEU B 14 26.32 -5.87 40.81
C LEU B 14 26.62 -4.94 39.64
N GLN B 15 27.44 -3.92 39.90
CA GLN B 15 27.83 -2.93 38.89
C GLN B 15 28.88 -3.52 37.97
N LYS B 16 29.67 -4.48 38.50
CA LYS B 16 30.71 -5.13 37.73
C LYS B 16 30.37 -6.61 37.55
N GLY B 17 30.25 -7.34 38.68
CA GLY B 17 30.03 -8.78 38.68
C GLY B 17 28.70 -9.16 38.04
N SER B 18 28.75 -9.45 36.73
CA SER B 18 27.54 -9.57 35.93
C SER B 18 27.54 -10.87 35.12
N ASP B 19 27.16 -11.97 35.79
CA ASP B 19 26.72 -13.18 35.12
C ASP B 19 25.29 -13.47 35.56
N THR B 20 24.40 -13.63 34.58
CA THR B 20 22.95 -13.61 34.75
C THR B 20 22.52 -14.38 36.00
N GLU B 21 23.08 -15.58 36.19
CA GLU B 21 22.67 -16.47 37.27
C GLU B 21 23.04 -15.87 38.62
N ALA B 22 24.32 -15.50 38.77
CA ALA B 22 24.81 -14.88 40.00
C ALA B 22 24.53 -13.38 39.97
N GLN B 23 23.27 -13.04 39.66
CA GLN B 23 22.82 -11.66 39.60
C GLN B 23 21.41 -11.56 40.16
N CYS B 24 20.56 -12.54 39.78
CA CYS B 24 19.19 -12.62 40.27
C CYS B 24 19.18 -13.18 41.68
N GLU B 25 20.16 -14.04 41.97
CA GLU B 25 20.35 -14.59 43.31
C GLU B 25 21.09 -13.57 44.16
N VAL B 26 21.77 -12.63 43.49
CA VAL B 26 22.41 -11.49 44.13
C VAL B 26 21.54 -10.26 43.88
N MET B 27 20.23 -10.42 44.11
CA MET B 27 19.24 -9.38 43.86
C MET B 27 18.09 -9.53 44.85
N GLN B 28 17.80 -10.79 45.23
CA GLN B 28 16.73 -11.12 46.16
C GLN B 28 16.99 -10.46 47.50
N GLU B 29 18.25 -10.08 47.74
CA GLU B 29 18.67 -9.39 48.96
C GLU B 29 18.03 -8.00 49.01
N ILE B 30 18.07 -7.30 47.87
CA ILE B 30 17.64 -5.92 47.75
C ILE B 30 16.12 -5.85 47.93
N VAL B 31 15.45 -6.96 47.66
CA VAL B 31 14.01 -7.07 47.81
C VAL B 31 13.65 -6.97 49.30
N ASP B 32 14.30 -7.80 50.12
CA ASP B 32 13.85 -8.09 51.48
C ASP B 32 14.47 -7.13 52.49
N GLN B 33 15.36 -6.23 52.04
CA GLN B 33 15.97 -5.25 52.93
C GLN B 33 15.23 -3.91 52.82
N VAL B 34 13.94 -3.99 52.47
CA VAL B 34 13.04 -2.84 52.50
C VAL B 34 11.84 -3.19 53.38
N LEU B 35 11.65 -4.48 53.65
CA LEU B 35 10.54 -4.99 54.46
C LEU B 35 10.91 -4.87 55.93
N GLU B 36 12.07 -5.42 56.29
CA GLU B 36 12.57 -5.46 57.66
C GLU B 36 12.78 -4.03 58.16
N GLU B 37 13.64 -3.29 57.45
CA GLU B 37 13.82 -1.86 57.69
C GLU B 37 12.98 -1.09 56.68
N ASP B 38 11.96 -0.38 57.19
CA ASP B 38 10.90 0.22 56.40
C ASP B 38 11.46 1.13 55.30
N PHE B 39 12.45 1.95 55.66
CA PHE B 39 13.06 2.94 54.77
C PHE B 39 12.02 3.95 54.31
N ASP B 40 11.27 4.49 55.27
CA ASP B 40 10.40 5.65 55.11
C ASP B 40 9.43 5.44 53.94
N SER B 41 8.80 6.54 53.51
CA SER B 41 7.99 6.59 52.32
C SER B 41 8.64 7.52 51.31
N GLU B 42 9.89 7.92 51.61
CA GLU B 42 10.60 8.94 50.85
C GLU B 42 11.96 8.43 50.42
N GLN B 43 12.48 7.39 51.11
CA GLN B 43 13.76 6.79 50.79
C GLN B 43 13.66 5.99 49.50
N LEU B 44 12.46 6.01 48.89
CA LEU B 44 12.15 5.20 47.72
C LEU B 44 12.79 5.80 46.47
N SER B 45 13.06 7.11 46.51
CA SER B 45 13.44 7.87 45.33
C SER B 45 14.95 7.81 45.08
N VAL B 46 15.73 7.49 46.12
CA VAL B 46 17.18 7.55 46.05
C VAL B 46 17.74 6.31 45.37
N LEU B 47 17.04 5.17 45.50
CA LEU B 47 17.45 3.90 44.92
C LEU B 47 17.17 3.89 43.42
N ALA B 48 16.30 4.80 42.99
CA ALA B 48 15.85 4.88 41.60
C ALA B 48 16.91 5.56 40.74
N SER B 49 17.74 6.40 41.36
CA SER B 49 18.71 7.20 40.63
C SER B 49 19.96 6.39 40.29
N CYS B 50 20.35 5.49 41.19
CA CYS B 50 21.59 4.74 41.06
C CYS B 50 21.36 3.39 40.39
N LEU B 51 20.11 3.13 39.98
CA LEU B 51 19.76 1.92 39.26
C LEU B 51 19.41 2.26 37.81
N GLN B 52 19.16 3.55 37.56
CA GLN B 52 18.90 4.06 36.22
C GLN B 52 20.23 4.13 35.46
N GLU B 53 21.30 4.48 36.19
CA GLU B 53 22.64 4.58 35.63
C GLU B 53 23.32 3.21 35.66
N LEU B 54 22.73 2.29 36.45
CA LEU B 54 23.27 0.95 36.64
C LEU B 54 22.86 0.07 35.47
N PHE B 55 21.62 0.26 34.98
CA PHE B 55 21.05 -0.62 33.98
C PHE B 55 20.91 0.09 32.63
N LYS B 56 21.83 1.01 32.33
CA LYS B 56 21.90 1.61 31.01
C LYS B 56 22.46 0.59 30.03
N ALA B 57 23.20 -0.39 30.56
CA ALA B 57 23.67 -1.53 29.79
C ALA B 57 22.51 -2.12 28.98
N HIS B 58 21.33 -2.15 29.62
CA HIS B 58 20.15 -2.82 29.09
C HIS B 58 19.16 -2.15 28.14
N PHE B 59 18.90 -0.85 28.36
CA PHE B 59 17.87 -0.11 27.66
C PHE B 59 18.25 0.12 26.20
N ARG B 60 19.55 0.31 25.94
CA ARG B 60 20.04 0.35 24.57
C ARG B 60 20.22 -1.09 24.08
N GLY B 61 20.34 -1.23 22.76
CA GLY B 61 20.32 -2.54 22.13
C GLY B 61 18.89 -3.01 21.88
N GLU B 62 18.67 -4.33 22.01
CA GLU B 62 17.36 -4.89 21.74
C GLU B 62 16.80 -5.50 23.02
N VAL B 63 15.47 -5.60 23.06
CA VAL B 63 14.76 -6.15 24.21
C VAL B 63 14.22 -7.54 23.85
N LEU B 64 14.27 -7.88 22.55
CA LEU B 64 13.70 -9.13 22.07
C LEU B 64 14.79 -10.09 21.58
N PRO B 65 14.70 -11.40 21.94
CA PRO B 65 15.57 -12.43 21.37
C PRO B 65 15.28 -12.70 19.89
N GLU B 66 16.29 -13.24 19.20
CA GLU B 66 16.25 -13.49 17.76
C GLU B 66 15.18 -14.55 17.47
N GLU B 67 15.33 -15.73 18.08
CA GLU B 67 14.42 -16.84 17.82
C GLU B 67 13.18 -16.70 18.70
N ILE B 68 12.00 -16.81 18.08
CA ILE B 68 10.73 -16.66 18.77
C ILE B 68 10.33 -18.01 19.37
N THR B 69 10.84 -18.28 20.58
CA THR B 69 10.51 -19.48 21.34
C THR B 69 10.37 -19.14 22.82
N GLU B 70 9.75 -20.05 23.57
CA GLU B 70 9.38 -19.82 24.96
C GLU B 70 10.61 -19.70 25.86
N GLU B 71 11.69 -20.41 25.49
CA GLU B 71 12.93 -20.35 26.25
C GLU B 71 13.73 -19.10 25.88
N SER B 72 13.54 -18.61 24.64
CA SER B 72 14.16 -17.39 24.17
C SER B 72 13.62 -16.19 24.95
N LEU B 73 12.32 -16.26 25.28
CA LEU B 73 11.66 -15.30 26.14
C LEU B 73 12.20 -15.48 27.57
N GLU B 74 12.26 -16.74 28.02
CA GLU B 74 12.67 -17.08 29.38
C GLU B 74 14.13 -16.67 29.60
N GLU B 75 14.89 -16.56 28.51
CA GLU B 75 16.28 -16.13 28.55
C GLU B 75 16.34 -14.63 28.85
N SER B 76 15.33 -13.90 28.35
CA SER B 76 15.28 -12.45 28.46
C SER B 76 14.47 -12.02 29.69
N VAL B 77 13.76 -12.96 30.31
CA VAL B 77 13.11 -12.69 31.59
C VAL B 77 14.06 -13.10 32.72
N GLY B 78 15.00 -14.00 32.41
CA GLY B 78 16.06 -14.38 33.32
C GLY B 78 17.01 -13.21 33.59
N LYS B 79 17.02 -12.24 32.66
CA LYS B 79 17.83 -11.04 32.75
C LYS B 79 17.57 -10.32 34.08
N PRO B 80 18.62 -9.77 34.72
CA PRO B 80 18.54 -9.31 36.11
C PRO B 80 17.40 -8.36 36.44
N LEU B 81 17.17 -7.39 35.54
CA LEU B 81 16.25 -6.29 35.80
C LEU B 81 14.80 -6.79 35.84
N TYR B 82 14.60 -8.06 35.46
CA TYR B 82 13.27 -8.61 35.28
C TYR B 82 12.86 -9.46 36.48
N LEU B 83 13.64 -9.39 37.56
CA LEU B 83 13.31 -10.16 38.75
C LEU B 83 12.21 -9.45 39.55
N ILE B 84 12.30 -8.11 39.61
CA ILE B 84 11.36 -7.30 40.37
C ILE B 84 9.93 -7.71 40.02
N PHE B 85 9.66 -7.87 38.72
CA PHE B 85 8.34 -8.23 38.21
C PHE B 85 7.93 -9.61 38.73
N ARG B 86 8.89 -10.53 38.79
CA ARG B 86 8.67 -11.91 39.21
C ARG B 86 8.08 -11.93 40.62
N ASN B 87 8.56 -11.01 41.45
CA ASN B 87 8.13 -10.88 42.84
C ASN B 87 6.67 -10.44 42.88
N LEU B 88 6.33 -9.47 42.02
CA LEU B 88 5.09 -8.72 42.12
C LEU B 88 3.88 -9.56 41.74
N CYS B 89 4.11 -10.70 41.09
CA CYS B 89 3.03 -11.53 40.58
C CYS B 89 2.66 -12.61 41.61
N GLN B 90 3.62 -12.98 42.46
CA GLN B 90 3.45 -14.08 43.39
C GLN B 90 2.72 -13.61 44.64
N MET B 91 2.72 -12.29 44.87
CA MET B 91 2.23 -11.68 46.09
C MET B 91 0.70 -11.69 46.15
N GLN B 92 0.16 -11.01 47.17
CA GLN B 92 -1.27 -10.88 47.39
C GLN B 92 -1.63 -9.40 47.51
N GLU B 93 -2.93 -9.10 47.37
CA GLU B 93 -3.43 -7.74 47.25
C GLU B 93 -3.37 -7.01 48.59
N ASP B 94 -3.87 -7.68 49.65
CA ASP B 94 -4.00 -7.08 50.96
C ASP B 94 -2.62 -6.91 51.61
N ASN B 95 -1.62 -7.60 51.04
CA ASN B 95 -0.24 -7.49 51.47
C ASN B 95 0.25 -6.07 51.20
N SER B 96 0.87 -5.45 52.22
CA SER B 96 1.27 -4.06 52.16
C SER B 96 2.58 -3.88 51.39
N SER B 97 3.18 -5.00 50.96
CA SER B 97 4.38 -5.01 50.15
C SER B 97 4.03 -4.92 48.67
N PHE B 98 2.74 -5.08 48.38
CA PHE B 98 2.20 -5.02 47.02
C PHE B 98 2.22 -3.58 46.53
N SER B 99 1.95 -2.65 47.46
CA SER B 99 1.89 -1.22 47.16
C SER B 99 3.27 -0.59 47.36
N LEU B 100 4.07 -1.19 48.25
CA LEU B 100 5.38 -0.68 48.61
C LEU B 100 6.30 -0.74 47.40
N LEU B 101 6.31 -1.91 46.76
CA LEU B 101 7.11 -2.17 45.57
C LEU B 101 6.58 -1.34 44.41
N LEU B 102 5.25 -1.23 44.35
CA LEU B 102 4.53 -0.50 43.32
C LEU B 102 4.94 0.97 43.33
N ASP B 103 5.25 1.51 44.52
CA ASP B 103 5.59 2.92 44.68
C ASP B 103 7.06 3.16 44.34
N LEU B 104 7.87 2.08 44.39
CA LEU B 104 9.24 2.12 43.93
C LEU B 104 9.25 2.20 42.41
N LEU B 105 8.33 1.45 41.80
CA LEU B 105 8.17 1.37 40.36
C LEU B 105 7.61 2.68 39.84
N SER B 106 6.52 3.16 40.48
CA SER B 106 5.78 4.34 40.07
C SER B 106 6.67 5.58 40.19
N GLU B 107 7.87 5.37 40.73
CA GLU B 107 8.86 6.43 40.90
C GLU B 107 9.97 6.22 39.88
N LEU B 108 10.17 4.95 39.49
CA LEU B 108 11.24 4.58 38.58
C LEU B 108 10.77 4.79 37.13
N TYR B 109 9.47 4.56 36.89
CA TYR B 109 8.82 4.88 35.62
C TYR B 109 8.82 6.40 35.43
N GLN B 110 8.73 7.12 36.55
CA GLN B 110 8.63 8.57 36.56
C GLN B 110 9.94 9.16 36.05
N LYS B 111 11.06 8.50 36.37
CA LYS B 111 12.38 8.94 35.97
C LYS B 111 12.72 8.36 34.61
N GLN B 112 12.48 7.04 34.46
CA GLN B 112 12.76 6.31 33.23
C GLN B 112 11.44 5.94 32.54
N PRO B 113 10.98 6.71 31.53
CA PRO B 113 9.65 6.50 30.96
C PRO B 113 9.56 5.30 30.02
N LYS B 114 10.34 4.24 30.30
CA LYS B 114 10.44 3.12 29.38
C LYS B 114 10.25 1.81 30.13
N ILE B 115 9.98 1.89 31.44
CA ILE B 115 9.77 0.70 32.25
C ILE B 115 8.41 0.11 31.87
N GLY B 116 7.53 0.98 31.36
CA GLY B 116 6.16 0.66 31.03
C GLY B 116 6.04 -0.47 29.99
N TYR B 117 6.63 -0.23 28.81
CA TYR B 117 6.51 -1.18 27.70
C TYR B 117 7.39 -2.41 27.95
N HIS B 118 8.34 -2.29 28.88
CA HIS B 118 9.07 -3.45 29.39
C HIS B 118 8.12 -4.31 30.22
N LEU B 119 7.35 -3.66 31.11
CA LEU B 119 6.40 -4.33 32.00
C LEU B 119 5.44 -5.19 31.19
N LEU B 120 4.96 -4.64 30.06
CA LEU B 120 4.05 -5.32 29.16
C LEU B 120 4.72 -6.56 28.57
N TYR B 121 5.99 -6.39 28.18
CA TYR B 121 6.76 -7.44 27.51
C TYR B 121 6.96 -8.62 28.46
N TYR B 122 7.27 -8.29 29.73
CA TYR B 122 7.50 -9.30 30.74
C TYR B 122 6.25 -10.16 30.89
N LEU B 123 5.11 -9.50 31.04
CA LEU B 123 3.85 -10.12 31.43
C LEU B 123 3.32 -11.07 30.36
N ARG B 124 3.97 -11.05 29.18
CA ARG B 124 3.69 -12.03 28.13
C ARG B 124 4.83 -13.03 28.09
N ALA B 125 6.07 -12.52 28.14
CA ALA B 125 7.28 -13.31 27.95
C ALA B 125 7.41 -14.37 29.04
N SER B 126 7.29 -13.94 30.31
CA SER B 126 7.45 -14.84 31.44
C SER B 126 6.17 -15.64 31.67
N LYS B 127 6.35 -16.89 32.10
CA LYS B 127 5.24 -17.77 32.38
C LYS B 127 5.04 -17.88 33.89
N ALA B 128 5.76 -17.01 34.62
CA ALA B 128 5.56 -16.77 36.04
C ALA B 128 4.49 -15.70 36.22
N ALA B 129 4.18 -14.97 35.14
CA ALA B 129 3.13 -13.95 35.14
C ALA B 129 1.77 -14.61 34.96
N ALA B 130 1.76 -15.77 34.30
CA ALA B 130 0.57 -16.60 34.08
C ALA B 130 -0.46 -15.87 33.20
N GLY B 131 0.03 -15.00 32.30
CA GLY B 131 -0.80 -14.29 31.35
C GLY B 131 -1.45 -13.04 31.93
N LYS B 132 -1.73 -13.08 33.24
CA LYS B 132 -2.47 -12.04 33.95
C LYS B 132 -1.86 -10.67 33.66
N MET B 133 -2.73 -9.68 33.45
CA MET B 133 -2.30 -8.35 33.06
C MET B 133 -2.60 -7.34 34.17
N ASN B 134 -3.32 -7.81 35.21
CA ASN B 134 -3.80 -6.98 36.32
C ASN B 134 -2.66 -6.20 36.95
N LEU B 135 -1.42 -6.66 36.69
CA LEU B 135 -0.24 -6.02 37.26
C LEU B 135 0.03 -4.70 36.55
N TYR B 136 -0.29 -4.63 35.25
CA TYR B 136 -0.13 -3.39 34.52
C TYR B 136 -1.21 -2.40 34.96
N GLU B 137 -2.40 -2.95 35.23
CA GLU B 137 -3.55 -2.17 35.69
C GLU B 137 -3.20 -1.52 37.02
N SER B 138 -2.58 -2.31 37.91
CA SER B 138 -2.14 -1.86 39.23
C SER B 138 -1.10 -0.75 39.09
N PHE B 139 -0.23 -0.90 38.09
CA PHE B 139 0.83 0.06 37.81
C PHE B 139 0.23 1.40 37.37
N ALA B 140 -0.72 1.36 36.43
CA ALA B 140 -1.27 2.58 35.85
C ALA B 140 -2.13 3.32 36.87
N GLN B 141 -2.67 2.57 37.85
CA GLN B 141 -3.36 3.16 38.98
C GLN B 141 -2.40 4.04 39.77
N ALA B 142 -1.22 3.48 40.10
CA ALA B 142 -0.23 4.12 40.94
C ALA B 142 0.33 5.39 40.28
N THR B 143 0.46 5.37 38.95
CA THR B 143 1.02 6.49 38.21
C THR B 143 0.16 7.74 38.42
N GLN B 144 0.84 8.89 38.53
CA GLN B 144 0.28 10.13 39.05
C GLN B 144 -1.07 10.44 38.41
N LEU B 145 -1.23 10.16 37.11
CA LEU B 145 -2.41 10.53 36.36
C LEU B 145 -3.57 9.57 36.67
N GLY B 146 -3.23 8.31 36.93
CA GLY B 146 -4.18 7.36 37.49
C GLY B 146 -5.04 6.64 36.44
N ASP B 147 -4.88 7.01 35.16
CA ASP B 147 -5.66 6.43 34.09
C ASP B 147 -4.87 5.38 33.33
N LEU B 148 -5.57 4.28 32.97
CA LEU B 148 -4.98 3.12 32.34
C LEU B 148 -4.79 3.37 30.85
N HIS B 149 -5.81 3.97 30.22
CA HIS B 149 -5.75 4.25 28.79
C HIS B 149 -4.63 5.24 28.50
N THR B 150 -4.63 6.36 29.24
CA THR B 150 -3.65 7.42 29.02
C THR B 150 -2.24 6.84 29.17
N CYS B 151 -2.10 5.96 30.16
CA CYS B 151 -0.83 5.32 30.51
C CYS B 151 -0.40 4.37 29.39
N LEU B 152 -1.32 3.50 28.98
CA LEU B 152 -1.07 2.50 27.94
C LEU B 152 -0.54 3.21 26.70
N MET B 153 -1.21 4.28 26.31
CA MET B 153 -0.92 5.01 25.08
C MET B 153 0.47 5.66 25.15
N MET B 154 0.94 5.93 26.38
CA MET B 154 2.25 6.54 26.60
C MET B 154 3.32 5.47 26.41
N ASP B 155 3.04 4.28 26.96
CA ASP B 155 3.97 3.17 26.92
C ASP B 155 4.15 2.70 25.47
N MET B 156 3.01 2.48 24.79
CA MET B 156 3.02 1.99 23.42
C MET B 156 3.72 3.00 22.52
N LYS B 157 3.44 4.30 22.70
CA LYS B 157 4.11 5.32 21.91
C LYS B 157 5.62 5.32 22.16
N ALA B 158 6.02 5.05 23.41
CA ALA B 158 7.43 4.90 23.75
C ALA B 158 8.00 3.71 22.99
N CYS B 159 7.28 2.58 23.04
CA CYS B 159 7.73 1.38 22.38
C CYS B 159 7.83 1.59 20.88
N GLN B 160 6.91 2.40 20.32
CA GLN B 160 6.81 2.58 18.89
C GLN B 160 7.92 3.52 18.39
N GLU B 161 8.67 4.10 19.33
CA GLU B 161 9.73 5.03 18.99
C GLU B 161 11.07 4.35 19.19
N ASP B 162 11.06 3.23 19.93
CA ASP B 162 12.27 2.60 20.43
C ASP B 162 12.51 1.27 19.71
N ASP B 163 11.56 0.33 19.85
CA ASP B 163 11.68 -1.03 19.35
C ASP B 163 10.37 -1.46 18.68
N VAL B 164 10.22 -1.09 17.41
CA VAL B 164 9.00 -1.39 16.68
C VAL B 164 8.81 -2.90 16.56
N ARG B 165 9.90 -3.65 16.46
CA ARG B 165 9.78 -5.09 16.46
C ARG B 165 8.99 -5.56 17.69
N LEU B 166 9.20 -4.88 18.83
CA LEU B 166 8.54 -5.28 20.06
C LEU B 166 7.08 -4.82 20.02
N LEU B 167 6.84 -3.66 19.41
CA LEU B 167 5.50 -3.10 19.35
C LEU B 167 4.58 -4.01 18.53
N CYS B 168 5.14 -4.56 17.44
CA CYS B 168 4.42 -5.49 16.60
C CYS B 168 4.23 -6.80 17.36
N HIS B 169 5.26 -7.22 18.11
CA HIS B 169 5.16 -8.44 18.89
C HIS B 169 4.01 -8.34 19.89
N LEU B 170 3.90 -7.18 20.54
CA LEU B 170 2.98 -7.00 21.65
C LEU B 170 1.55 -6.83 21.16
N THR B 171 1.39 -6.16 20.01
CA THR B 171 0.10 -5.66 19.53
C THR B 171 -1.03 -6.68 19.70
N PRO B 172 -0.85 -7.99 19.41
CA PRO B 172 -1.90 -8.98 19.68
C PRO B 172 -2.33 -9.08 21.14
N SER B 173 -1.37 -8.99 22.08
CA SER B 173 -1.67 -9.16 23.49
C SER B 173 -2.36 -7.92 24.08
N ILE B 174 -1.97 -6.73 23.60
CA ILE B 174 -2.52 -5.46 24.04
C ILE B 174 -4.01 -5.39 23.66
N TYR B 175 -4.31 -5.67 22.39
CA TYR B 175 -5.67 -5.53 21.88
C TYR B 175 -6.56 -6.64 22.43
N THR B 176 -5.93 -7.68 23.01
CA THR B 176 -6.68 -8.81 23.53
C THR B 176 -7.02 -8.61 25.00
N GLU B 177 -6.02 -8.26 25.81
CA GLU B 177 -6.22 -8.21 27.25
C GLU B 177 -6.73 -6.84 27.68
N PHE B 178 -6.80 -5.88 26.76
CA PHE B 178 -7.29 -4.56 27.10
C PHE B 178 -8.27 -4.06 26.04
N PRO B 179 -9.34 -4.81 25.69
CA PRO B 179 -10.23 -4.41 24.60
C PRO B 179 -10.89 -3.04 24.76
N ASP B 180 -11.23 -2.68 26.00
CA ASP B 180 -11.96 -1.45 26.28
C ASP B 180 -11.11 -0.23 25.94
N GLU B 181 -9.81 -0.30 26.24
CA GLU B 181 -8.94 0.86 26.20
C GLU B 181 -8.22 0.95 24.84
N THR B 182 -8.51 -0.02 23.96
CA THR B 182 -7.81 -0.14 22.70
C THR B 182 -8.77 0.04 21.53
N LEU B 183 -9.81 -0.80 21.48
CA LEU B 183 -10.64 -1.02 20.29
C LEU B 183 -11.40 0.24 19.88
N ARG B 184 -11.88 1.01 20.87
CA ARG B 184 -12.85 2.06 20.59
C ARG B 184 -12.20 3.20 19.79
N SER B 185 -10.96 3.56 20.15
CA SER B 185 -10.30 4.71 19.56
C SER B 185 -8.94 4.34 18.95
N GLY B 186 -8.69 4.89 17.76
CA GLY B 186 -7.62 4.41 16.90
C GLY B 186 -6.40 5.30 16.91
N GLU B 187 -6.00 5.73 18.11
CA GLU B 187 -4.72 6.39 18.32
C GLU B 187 -3.63 5.32 18.31
N LEU B 188 -3.96 4.17 18.90
CA LEU B 188 -3.09 3.00 18.93
C LEU B 188 -2.92 2.49 17.50
N LEU B 189 -4.01 2.52 16.72
CA LEU B 189 -3.97 2.15 15.31
C LEU B 189 -2.99 3.08 14.61
N ASN B 190 -3.22 4.39 14.75
CA ASN B 190 -2.41 5.38 14.07
C ASN B 190 -0.92 5.17 14.39
N MET B 191 -0.63 4.83 15.64
CA MET B 191 0.73 4.57 16.09
C MET B 191 1.37 3.47 15.22
N ILE B 192 0.62 2.38 15.04
CA ILE B 192 1.13 1.18 14.40
C ILE B 192 1.30 1.42 12.89
N VAL B 193 0.25 1.93 12.25
CA VAL B 193 0.27 2.11 10.80
C VAL B 193 1.22 3.24 10.43
N ALA B 194 1.95 3.76 11.41
CA ALA B 194 2.89 4.83 11.09
C ALA B 194 4.34 4.35 11.14
N VAL B 195 4.57 3.04 11.39
CA VAL B 195 5.91 2.51 11.51
C VAL B 195 6.08 1.13 10.85
N ILE B 196 4.96 0.45 10.54
CA ILE B 196 5.02 -0.95 10.15
C ILE B 196 5.39 -1.06 8.67
N ASP B 197 6.27 -2.01 8.35
CA ASP B 197 6.64 -2.27 6.96
C ASP B 197 5.74 -3.37 6.41
N SER B 198 6.00 -3.79 5.17
CA SER B 198 5.11 -4.65 4.42
C SER B 198 5.02 -6.03 5.08
N ALA B 199 6.15 -6.47 5.66
CA ALA B 199 6.24 -7.78 6.29
C ALA B 199 5.38 -7.79 7.53
N GLN B 200 5.50 -6.73 8.33
CA GLN B 200 4.76 -6.61 9.57
C GLN B 200 3.26 -6.49 9.32
N LEU B 201 2.87 -5.73 8.28
CA LEU B 201 1.47 -5.55 7.95
C LEU B 201 0.85 -6.91 7.65
N GLN B 202 1.64 -7.77 6.99
CA GLN B 202 1.19 -9.11 6.67
C GLN B 202 1.11 -9.92 7.96
N GLU B 203 2.14 -9.74 8.81
CA GLU B 203 2.22 -10.45 10.07
C GLU B 203 0.93 -10.22 10.84
N LEU B 204 0.51 -8.95 10.88
CA LEU B 204 -0.67 -8.52 11.62
C LEU B 204 -1.94 -9.02 10.95
N VAL B 205 -2.00 -8.94 9.61
CA VAL B 205 -3.18 -9.33 8.83
C VAL B 205 -3.47 -10.81 9.08
N CYS B 206 -2.42 -11.61 9.22
CA CYS B 206 -2.62 -13.02 9.50
C CYS B 206 -3.19 -13.24 10.90
N HIS B 207 -2.73 -12.45 11.87
CA HIS B 207 -3.19 -12.62 13.25
C HIS B 207 -4.70 -12.48 13.30
N VAL B 208 -5.22 -11.49 12.56
CA VAL B 208 -6.63 -11.14 12.50
C VAL B 208 -7.45 -12.32 11.97
N MET B 209 -6.91 -12.98 10.94
CA MET B 209 -7.59 -14.08 10.26
C MET B 209 -7.46 -15.36 11.08
N MET B 210 -6.35 -15.52 11.80
CA MET B 210 -6.18 -16.59 12.77
C MET B 210 -7.18 -16.38 13.91
N GLY B 211 -7.73 -15.16 13.95
CA GLY B 211 -8.62 -14.74 15.02
C GLY B 211 -7.85 -14.43 16.31
N ASN B 212 -6.54 -14.24 16.19
CA ASN B 212 -5.67 -14.01 17.33
C ASN B 212 -5.50 -12.52 17.59
N LEU B 213 -6.20 -11.68 16.81
CA LEU B 213 -6.15 -10.24 17.00
C LEU B 213 -7.46 -9.63 16.47
N VAL B 214 -8.01 -8.70 17.25
CA VAL B 214 -9.14 -7.92 16.81
C VAL B 214 -8.81 -6.45 17.12
N MET B 215 -8.78 -5.62 16.07
CA MET B 215 -8.42 -4.22 16.22
C MET B 215 -9.65 -3.34 16.02
N PHE B 216 -10.74 -3.92 15.52
CA PHE B 216 -12.00 -3.20 15.41
C PHE B 216 -13.16 -4.09 15.82
N ARG B 217 -14.17 -3.42 16.40
CA ARG B 217 -15.53 -3.91 16.55
C ARG B 217 -16.41 -3.11 15.61
N LYS B 218 -17.58 -3.66 15.28
CA LYS B 218 -18.50 -3.08 14.30
C LYS B 218 -19.01 -1.72 14.76
N ASP B 219 -19.19 -1.56 16.08
CA ASP B 219 -19.64 -0.30 16.68
C ASP B 219 -18.55 0.77 16.66
N SER B 220 -17.28 0.38 16.79
CA SER B 220 -16.21 1.37 16.96
C SER B 220 -15.63 1.81 15.61
N VAL B 221 -15.80 0.99 14.57
CA VAL B 221 -14.95 1.04 13.40
C VAL B 221 -15.16 2.32 12.59
N LEU B 222 -16.40 2.62 12.22
CA LEU B 222 -16.64 3.68 11.25
C LEU B 222 -16.03 4.99 11.71
N ASN B 223 -16.01 5.19 13.04
CA ASN B 223 -15.43 6.38 13.65
C ASN B 223 -13.92 6.40 13.37
N ILE B 224 -13.26 5.29 13.65
CA ILE B 224 -11.82 5.19 13.47
C ILE B 224 -11.46 5.62 12.04
N LEU B 225 -12.13 5.02 11.05
CA LEU B 225 -11.86 5.30 9.65
C LEU B 225 -12.09 6.78 9.32
N ILE B 226 -13.16 7.37 9.88
CA ILE B 226 -13.42 8.78 9.68
C ILE B 226 -12.15 9.55 10.04
N GLN B 227 -11.55 9.18 11.16
CA GLN B 227 -10.30 9.75 11.67
C GLN B 227 -9.11 9.46 10.76
N SER B 228 -9.20 8.41 9.94
CA SER B 228 -8.06 7.97 9.15
C SER B 228 -7.87 8.84 7.92
N LEU B 229 -8.94 9.48 7.43
CA LEU B 229 -8.84 10.29 6.23
C LEU B 229 -7.81 11.43 6.40
N ASP B 230 -7.30 11.62 7.63
CA ASP B 230 -6.32 12.66 7.88
C ASP B 230 -4.91 12.11 7.68
N TRP B 231 -4.71 10.82 7.98
CA TRP B 231 -3.38 10.22 8.09
C TRP B 231 -2.61 10.25 6.77
N GLU B 232 -1.38 9.74 6.85
CA GLU B 232 -0.46 9.69 5.72
C GLU B 232 -0.90 8.58 4.78
N THR B 233 -0.67 8.75 3.47
CA THR B 233 -1.13 7.82 2.45
C THR B 233 -1.00 6.38 2.94
N PHE B 234 0.20 6.01 3.38
CA PHE B 234 0.48 4.60 3.64
C PHE B 234 -0.13 4.13 4.97
N GLU B 235 -0.34 5.06 5.91
CA GLU B 235 -1.01 4.73 7.16
C GLU B 235 -2.48 4.39 6.88
N GLN B 236 -3.11 5.24 6.06
CA GLN B 236 -4.49 5.04 5.62
C GLN B 236 -4.58 3.73 4.85
N TYR B 237 -3.61 3.51 3.96
CA TYR B 237 -3.65 2.33 3.11
C TYR B 237 -3.53 1.08 3.97
N CYS B 238 -2.67 1.15 4.98
CA CYS B 238 -2.45 0.04 5.89
C CYS B 238 -3.71 -0.21 6.71
N ALA B 239 -4.40 0.87 7.08
CA ALA B 239 -5.58 0.76 7.92
C ALA B 239 -6.71 -0.01 7.22
N TRP B 240 -7.00 0.33 5.96
CA TRP B 240 -8.01 -0.35 5.16
C TRP B 240 -7.69 -1.84 5.01
N GLN B 241 -6.39 -2.17 4.82
CA GLN B 241 -5.95 -3.56 4.69
C GLN B 241 -6.25 -4.35 5.97
N LEU B 242 -6.05 -3.71 7.12
CA LEU B 242 -6.35 -4.32 8.40
C LEU B 242 -7.86 -4.46 8.58
N PHE B 243 -8.61 -3.47 8.07
CA PHE B 243 -10.06 -3.53 8.15
C PHE B 243 -10.57 -4.71 7.33
N LEU B 244 -10.15 -4.77 6.07
CA LEU B 244 -10.55 -5.78 5.10
C LEU B 244 -10.26 -7.19 5.61
N ALA B 245 -9.38 -7.30 6.61
CA ALA B 245 -9.01 -8.58 7.17
C ALA B 245 -10.04 -9.05 8.19
N HIS B 246 -10.87 -8.12 8.67
CA HIS B 246 -11.62 -8.31 9.91
C HIS B 246 -12.96 -8.99 9.66
N ASN B 247 -13.45 -8.90 8.42
CA ASN B 247 -14.81 -9.34 8.13
C ASN B 247 -15.77 -8.63 9.08
N ILE B 248 -15.89 -7.33 8.83
CA ILE B 248 -17.06 -6.52 9.15
C ILE B 248 -17.64 -6.17 7.79
N PRO B 249 -18.97 -6.22 7.59
CA PRO B 249 -19.53 -5.91 6.28
C PRO B 249 -19.22 -4.46 5.91
N LEU B 250 -19.08 -4.24 4.59
CA LEU B 250 -18.85 -2.92 4.03
C LEU B 250 -20.02 -1.98 4.32
N GLU B 251 -21.19 -2.55 4.67
CA GLU B 251 -22.36 -1.72 4.95
C GLU B 251 -22.12 -0.91 6.23
N THR B 252 -21.43 -1.50 7.21
CA THR B 252 -21.16 -0.83 8.47
C THR B 252 -20.51 0.53 8.24
N ILE B 253 -19.67 0.63 7.20
CA ILE B 253 -18.84 1.80 7.04
C ILE B 253 -19.22 2.56 5.78
N ILE B 254 -20.32 2.15 5.12
CA ILE B 254 -20.68 2.74 3.85
C ILE B 254 -21.04 4.22 4.02
N PRO B 255 -21.51 4.67 5.20
CA PRO B 255 -21.72 6.10 5.44
C PRO B 255 -20.47 6.97 5.30
N ILE B 256 -19.28 6.35 5.35
CA ILE B 256 -18.01 7.05 5.29
C ILE B 256 -17.89 7.75 3.94
N LEU B 257 -18.62 7.20 2.97
CA LEU B 257 -18.57 7.65 1.59
C LEU B 257 -18.98 9.12 1.50
N GLN B 258 -19.83 9.57 2.43
CA GLN B 258 -20.26 10.97 2.45
C GLN B 258 -19.08 11.89 2.75
N HIS B 259 -18.07 11.36 3.46
CA HIS B 259 -16.94 12.11 3.98
C HIS B 259 -15.79 12.14 2.98
N LEU B 260 -15.94 11.42 1.87
CA LEU B 260 -14.83 11.16 0.96
C LEU B 260 -14.85 12.11 -0.23
N LYS B 261 -13.85 13.00 -0.28
CA LYS B 261 -13.77 14.01 -1.31
C LYS B 261 -12.74 13.59 -2.36
N TYR B 262 -13.10 13.81 -3.63
CA TYR B 262 -12.33 13.36 -4.79
C TYR B 262 -10.90 13.92 -4.75
N LYS B 263 -10.79 15.24 -4.57
CA LYS B 263 -9.54 15.95 -4.73
C LYS B 263 -8.60 15.70 -3.54
N GLU B 264 -8.99 14.82 -2.60
CA GLU B 264 -8.20 14.70 -1.37
C GLU B 264 -8.34 13.38 -0.62
N HIS B 265 -9.18 12.44 -1.05
CA HIS B 265 -9.25 11.17 -0.31
C HIS B 265 -9.01 9.97 -1.22
N PRO B 266 -7.89 9.93 -1.99
CA PRO B 266 -7.72 8.94 -3.05
C PRO B 266 -7.46 7.52 -2.53
N GLU B 267 -6.62 7.40 -1.48
CA GLU B 267 -6.29 6.10 -0.89
C GLU B 267 -7.58 5.47 -0.39
N ALA B 268 -8.35 6.28 0.33
CA ALA B 268 -9.59 5.84 0.96
C ALA B 268 -10.61 5.45 -0.11
N LEU B 269 -10.77 6.31 -1.13
CA LEU B 269 -11.68 6.05 -2.22
C LEU B 269 -11.26 4.79 -2.99
N SER B 270 -9.97 4.66 -3.28
CA SER B 270 -9.49 3.52 -4.05
C SER B 270 -9.92 2.23 -3.36
N CYS B 271 -9.49 2.09 -2.10
CA CYS B 271 -9.73 0.88 -1.35
C CYS B 271 -11.22 0.57 -1.37
N LEU B 272 -12.02 1.55 -0.94
CA LEU B 272 -13.47 1.38 -0.89
C LEU B 272 -13.97 0.98 -2.27
N LEU B 273 -13.46 1.64 -3.32
CA LEU B 273 -14.01 1.38 -4.64
C LEU B 273 -13.73 -0.06 -5.01
N LEU B 274 -12.52 -0.52 -4.69
CA LEU B 274 -12.12 -1.85 -5.12
C LEU B 274 -12.79 -2.91 -4.24
N GLN B 275 -13.34 -2.51 -3.09
CA GLN B 275 -14.08 -3.42 -2.23
C GLN B 275 -15.55 -3.47 -2.64
N LEU B 276 -16.08 -2.33 -3.10
CA LEU B 276 -17.50 -2.24 -3.38
C LEU B 276 -17.85 -3.17 -4.54
N ARG B 277 -16.86 -3.43 -5.41
CA ARG B 277 -17.03 -4.24 -6.60
C ARG B 277 -17.57 -5.63 -6.25
N ARG B 278 -17.01 -6.23 -5.19
CA ARG B 278 -17.29 -7.62 -4.89
C ARG B 278 -18.54 -7.76 -4.01
N GLU B 279 -19.43 -6.74 -4.01
CA GLU B 279 -20.53 -6.68 -3.07
C GLU B 279 -21.88 -6.77 -3.77
N LYS B 280 -22.80 -7.52 -3.17
CA LYS B 280 -24.20 -7.51 -3.54
C LYS B 280 -24.79 -6.19 -3.04
N PRO B 281 -25.06 -5.24 -3.96
CA PRO B 281 -25.42 -3.87 -3.58
C PRO B 281 -26.73 -3.85 -2.77
N SER B 282 -26.64 -3.39 -1.52
CA SER B 282 -27.83 -3.09 -0.75
C SER B 282 -28.39 -1.76 -1.24
N GLU B 283 -29.61 -1.43 -0.83
CA GLU B 283 -30.25 -0.20 -1.29
C GLU B 283 -29.48 1.02 -0.79
N GLU B 284 -29.01 0.92 0.47
CA GLU B 284 -28.33 2.02 1.14
C GLU B 284 -27.00 2.30 0.46
N MET B 285 -26.30 1.23 0.06
CA MET B 285 -25.03 1.36 -0.65
C MET B 285 -25.25 2.12 -1.95
N VAL B 286 -26.30 1.75 -2.68
CA VAL B 286 -26.63 2.50 -3.88
C VAL B 286 -26.85 3.95 -3.49
N LYS B 287 -27.70 4.16 -2.46
CA LYS B 287 -28.07 5.48 -1.99
C LYS B 287 -26.85 6.37 -1.74
N MET B 288 -25.76 5.80 -1.19
CA MET B 288 -24.57 6.55 -0.84
C MET B 288 -23.71 6.83 -2.07
N VAL B 289 -23.66 5.87 -2.99
CA VAL B 289 -22.93 6.06 -4.24
C VAL B 289 -23.52 7.29 -4.95
N LEU B 290 -24.84 7.33 -4.99
CA LEU B 290 -25.63 8.33 -5.71
C LEU B 290 -25.55 9.69 -5.01
N SER B 291 -25.21 9.67 -3.72
CA SER B 291 -25.30 10.84 -2.86
C SER B 291 -24.09 11.75 -3.05
N ARG B 292 -22.98 11.20 -3.53
CA ARG B 292 -21.79 12.00 -3.79
C ARG B 292 -22.03 12.91 -4.98
N PRO B 293 -21.78 14.23 -4.85
CA PRO B 293 -22.15 15.22 -5.85
C PRO B 293 -21.37 15.02 -7.15
N CYS B 294 -21.92 15.54 -8.25
CA CYS B 294 -21.40 15.31 -9.59
C CYS B 294 -20.38 16.38 -9.95
N HIS B 295 -19.09 16.02 -9.78
CA HIS B 295 -17.96 16.74 -10.33
C HIS B 295 -17.61 16.05 -11.65
N PRO B 296 -17.29 16.81 -12.73
CA PRO B 296 -16.92 16.20 -14.01
C PRO B 296 -15.63 15.39 -13.96
N ASP B 297 -14.83 15.58 -12.90
CA ASP B 297 -13.54 14.92 -12.77
C ASP B 297 -13.66 13.63 -11.96
N ASP B 298 -14.61 13.59 -11.00
CA ASP B 298 -14.81 12.46 -10.12
C ASP B 298 -15.51 11.34 -10.88
N GLN B 299 -14.75 10.25 -11.15
CA GLN B 299 -15.17 9.18 -12.03
C GLN B 299 -15.67 8.00 -11.21
N PHE B 300 -15.69 8.18 -9.88
CA PHE B 300 -15.88 7.10 -8.94
C PHE B 300 -17.30 6.52 -9.03
N THR B 301 -18.31 7.38 -9.17
CA THR B 301 -19.68 6.91 -9.08
C THR B 301 -20.03 6.07 -10.31
N THR B 302 -19.57 6.52 -11.49
CA THR B 302 -19.87 5.81 -12.71
C THR B 302 -19.02 4.54 -12.83
N SER B 303 -17.81 4.54 -12.26
CA SER B 303 -17.03 3.32 -12.09
C SER B 303 -17.88 2.23 -11.42
N ILE B 304 -18.41 2.54 -10.24
CA ILE B 304 -18.99 1.52 -9.40
C ILE B 304 -20.34 1.08 -9.96
N LEU B 305 -21.06 2.00 -10.61
CA LEU B 305 -22.37 1.68 -11.18
C LEU B 305 -22.20 0.75 -12.38
N ARG B 306 -21.39 1.19 -13.36
CA ARG B 306 -21.10 0.37 -14.52
C ARG B 306 -20.78 -1.06 -14.07
N HIS B 307 -20.01 -1.19 -12.99
CA HIS B 307 -19.53 -2.50 -12.59
C HIS B 307 -20.65 -3.30 -11.94
N TRP B 308 -21.44 -2.62 -11.11
CA TRP B 308 -22.52 -3.29 -10.41
C TRP B 308 -23.56 -3.82 -11.39
N CYS B 309 -23.81 -3.06 -12.44
CA CYS B 309 -24.93 -3.34 -13.31
C CYS B 309 -24.61 -4.53 -14.22
N MET B 310 -23.32 -4.69 -14.58
CA MET B 310 -22.89 -5.90 -15.25
C MET B 310 -23.37 -7.11 -14.46
N LYS B 311 -22.93 -7.17 -13.19
CA LYS B 311 -23.11 -8.32 -12.32
C LYS B 311 -24.53 -8.40 -11.77
N HIS B 312 -25.24 -7.27 -11.69
CA HIS B 312 -26.52 -7.23 -11.01
C HIS B 312 -27.46 -6.22 -11.65
N ASP B 313 -27.71 -6.39 -12.96
CA ASP B 313 -28.56 -5.51 -13.76
C ASP B 313 -29.86 -5.16 -13.04
N GLU B 314 -30.66 -6.17 -12.72
CA GLU B 314 -32.03 -5.98 -12.25
C GLU B 314 -32.03 -5.50 -10.80
N LEU B 315 -31.30 -6.22 -9.93
CA LEU B 315 -31.22 -5.89 -8.52
C LEU B 315 -30.89 -4.41 -8.35
N LEU B 316 -29.97 -3.91 -9.19
CA LEU B 316 -29.59 -2.50 -9.19
C LEU B 316 -30.75 -1.63 -9.66
N ALA B 317 -31.34 -1.99 -10.81
CA ALA B 317 -32.45 -1.26 -11.39
C ALA B 317 -33.58 -1.07 -10.38
N GLU B 318 -33.86 -2.11 -9.60
CA GLU B 318 -34.82 -2.06 -8.50
C GLU B 318 -34.45 -0.92 -7.55
N HIS B 319 -33.18 -0.92 -7.11
CA HIS B 319 -32.67 0.03 -6.14
C HIS B 319 -32.78 1.45 -6.67
N ILE B 320 -32.49 1.65 -7.95
CA ILE B 320 -32.58 2.97 -8.54
C ILE B 320 -34.04 3.40 -8.63
N LYS B 321 -34.93 2.43 -8.88
CA LYS B 321 -36.37 2.67 -8.96
C LYS B 321 -36.89 3.14 -7.61
N SER B 322 -36.59 2.37 -6.56
CA SER B 322 -37.05 2.62 -5.22
C SER B 322 -36.67 4.02 -4.77
N LEU B 323 -35.36 4.30 -4.78
CA LEU B 323 -34.79 5.56 -4.33
C LEU B 323 -35.35 6.73 -5.13
N LEU B 324 -35.46 6.52 -6.45
CA LEU B 324 -36.00 7.51 -7.37
C LEU B 324 -37.42 7.89 -6.97
N ILE B 325 -38.27 6.87 -6.79
CA ILE B 325 -39.65 7.04 -6.37
C ILE B 325 -39.69 7.61 -4.96
N LYS B 326 -38.78 7.15 -4.09
CA LYS B 326 -38.74 7.56 -2.69
C LYS B 326 -38.44 9.06 -2.58
N ASN B 327 -37.57 9.57 -3.46
CA ASN B 327 -37.22 10.97 -3.49
C ASN B 327 -38.20 11.76 -4.35
N ASN B 328 -38.97 11.03 -5.18
CA ASN B 328 -39.96 11.66 -6.04
C ASN B 328 -41.05 12.28 -5.17
N SER B 329 -41.50 11.52 -4.18
CA SER B 329 -42.56 11.90 -3.25
C SER B 329 -42.04 12.95 -2.27
N LEU B 330 -40.97 12.61 -1.55
CA LEU B 330 -40.43 13.44 -0.47
C LEU B 330 -39.99 14.79 -1.04
N SER B 342 -38.94 18.56 -0.81
CA SER B 342 -38.98 19.01 -2.23
C SER B 342 -37.67 19.70 -2.62
N LYS B 343 -37.26 20.73 -1.86
CA LYS B 343 -36.04 21.48 -2.13
C LYS B 343 -34.85 20.53 -2.26
N LEU B 344 -34.65 19.69 -1.22
CA LEU B 344 -33.60 18.67 -1.21
C LEU B 344 -34.01 17.50 -2.09
N ALA B 345 -35.32 17.21 -2.16
CA ALA B 345 -35.86 16.10 -2.94
C ALA B 345 -35.52 16.25 -4.43
N GLN B 346 -35.71 17.47 -4.95
CA GLN B 346 -35.45 17.84 -6.34
C GLN B 346 -33.95 17.89 -6.62
N LEU B 347 -33.16 18.35 -5.63
CA LEU B 347 -31.71 18.37 -5.72
C LEU B 347 -31.17 16.93 -5.72
N THR B 348 -31.74 16.07 -4.87
CA THR B 348 -31.35 14.67 -4.83
C THR B 348 -31.75 14.00 -6.14
N LEU B 349 -32.98 14.28 -6.60
CA LEU B 349 -33.50 13.71 -7.83
C LEU B 349 -32.66 14.14 -9.03
N GLU B 350 -32.35 15.44 -9.09
CA GLU B 350 -31.52 16.00 -10.15
C GLU B 350 -30.16 15.31 -10.17
N GLN B 351 -29.55 15.17 -8.97
CA GLN B 351 -28.24 14.55 -8.82
C GLN B 351 -28.30 13.09 -9.27
N ILE B 352 -29.37 12.38 -8.88
CA ILE B 352 -29.57 10.98 -9.26
C ILE B 352 -29.72 10.91 -10.77
N LEU B 353 -30.48 11.85 -11.34
CA LEU B 353 -30.72 11.87 -12.77
C LEU B 353 -29.40 12.09 -13.50
N GLU B 354 -28.62 13.06 -13.01
CA GLU B 354 -27.34 13.42 -13.61
C GLU B 354 -26.41 12.22 -13.64
N HIS B 355 -26.34 11.52 -12.50
CA HIS B 355 -25.52 10.33 -12.34
C HIS B 355 -25.89 9.29 -13.38
N LEU B 356 -27.20 9.09 -13.58
CA LEU B 356 -27.70 8.13 -14.54
C LEU B 356 -27.29 8.54 -15.96
N ASP B 357 -27.27 9.86 -16.22
CA ASP B 357 -26.94 10.36 -17.54
C ASP B 357 -25.48 10.09 -17.85
N ASN B 358 -24.62 10.23 -16.82
CA ASN B 358 -23.20 9.96 -16.95
C ASN B 358 -22.98 8.49 -17.30
N LEU B 359 -23.77 7.61 -16.67
CA LEU B 359 -23.69 6.17 -16.89
C LEU B 359 -24.11 5.84 -18.31
N ARG B 360 -25.14 6.54 -18.80
CA ARG B 360 -25.71 6.31 -20.11
C ARG B 360 -24.74 6.76 -21.20
N LEU B 361 -24.09 7.91 -20.98
CA LEU B 361 -23.10 8.42 -21.92
C LEU B 361 -21.84 7.56 -21.86
N ASN B 362 -21.77 6.66 -20.88
CA ASN B 362 -20.61 5.79 -20.67
C ASN B 362 -20.88 4.41 -21.27
N LEU B 363 -22.09 3.89 -21.06
CA LEU B 363 -22.43 2.49 -21.29
C LEU B 363 -22.47 2.15 -22.79
N THR B 364 -22.43 3.18 -23.65
CA THR B 364 -22.50 3.02 -25.09
C THR B 364 -21.40 2.09 -25.59
N ASN B 365 -20.24 2.10 -24.90
CA ASN B 365 -19.08 1.30 -25.28
C ASN B 365 -19.35 -0.19 -25.06
N THR B 366 -20.56 -0.53 -24.60
CA THR B 366 -20.98 -1.91 -24.44
C THR B 366 -22.38 -2.10 -25.01
N LYS B 367 -22.65 -3.32 -25.49
CA LYS B 367 -23.95 -3.70 -26.02
C LYS B 367 -24.68 -4.58 -25.01
N GLN B 368 -24.45 -4.29 -23.72
CA GLN B 368 -25.26 -4.86 -22.65
C GLN B 368 -26.53 -4.03 -22.49
N ASN B 369 -27.56 -4.63 -21.87
CA ASN B 369 -28.82 -3.94 -21.65
C ASN B 369 -29.07 -3.81 -20.16
N PHE B 370 -28.80 -2.63 -19.62
CA PHE B 370 -29.24 -2.26 -18.29
C PHE B 370 -30.44 -1.31 -18.41
N PHE B 371 -30.22 -0.22 -19.16
CA PHE B 371 -31.14 0.89 -19.26
C PHE B 371 -32.44 0.49 -19.94
N SER B 372 -32.40 -0.63 -20.67
CA SER B 372 -33.61 -1.18 -21.29
C SER B 372 -34.11 -2.38 -20.48
N GLN B 373 -34.69 -2.06 -19.31
CA GLN B 373 -35.46 -3.01 -18.52
C GLN B 373 -36.46 -2.27 -17.64
N THR B 374 -37.55 -2.97 -17.34
CA THR B 374 -38.80 -2.38 -16.90
C THR B 374 -38.62 -1.52 -15.65
N PRO B 375 -38.06 -2.05 -14.52
CA PRO B 375 -38.07 -1.34 -13.24
C PRO B 375 -37.48 0.06 -13.30
N ILE B 376 -36.52 0.26 -14.21
CA ILE B 376 -35.96 1.58 -14.47
C ILE B 376 -36.95 2.39 -15.29
N LEU B 377 -37.43 1.80 -16.38
CA LEU B 377 -38.32 2.48 -17.33
C LEU B 377 -39.53 3.03 -16.58
N GLN B 378 -40.16 2.19 -15.75
CA GLN B 378 -41.31 2.57 -14.93
C GLN B 378 -41.00 3.86 -14.19
N ALA B 379 -39.91 3.82 -13.41
CA ALA B 379 -39.54 4.88 -12.48
C ALA B 379 -39.17 6.15 -13.24
N LEU B 380 -38.79 6.00 -14.52
CA LEU B 380 -38.27 7.12 -15.30
C LEU B 380 -39.38 8.07 -15.72
N GLN B 381 -40.41 7.52 -16.40
CA GLN B 381 -41.50 8.33 -16.90
C GLN B 381 -42.32 8.89 -15.74
N HIS B 382 -42.40 8.11 -14.65
CA HIS B 382 -43.14 8.46 -13.46
C HIS B 382 -42.61 9.77 -12.88
N VAL B 383 -41.28 9.91 -12.87
CA VAL B 383 -40.61 11.02 -12.22
C VAL B 383 -40.45 12.19 -13.20
N GLN B 384 -40.97 12.03 -14.42
CA GLN B 384 -40.96 13.10 -15.39
C GLN B 384 -41.98 14.18 -14.97
N ALA B 385 -43.12 13.72 -14.44
CA ALA B 385 -44.21 14.56 -13.99
C ALA B 385 -43.70 15.76 -13.20
N SER B 386 -42.95 15.48 -12.12
CA SER B 386 -42.50 16.51 -11.19
C SER B 386 -41.22 17.18 -11.71
N CYS B 387 -41.31 17.76 -12.91
CA CYS B 387 -40.18 18.45 -13.52
C CYS B 387 -40.67 19.62 -14.37
N ASP B 388 -39.90 20.71 -14.35
CA ASP B 388 -40.12 21.83 -15.26
C ASP B 388 -39.16 21.67 -16.44
N GLU B 389 -39.19 22.64 -17.36
CA GLU B 389 -38.44 22.56 -18.61
C GLU B 389 -36.93 22.68 -18.36
N ALA B 390 -36.55 23.21 -17.18
CA ALA B 390 -35.16 23.40 -16.82
C ALA B 390 -34.43 22.06 -16.80
N HIS B 391 -35.14 21.02 -16.34
CA HIS B 391 -34.58 19.68 -16.21
C HIS B 391 -34.88 18.88 -17.48
N LYS B 392 -36.14 18.91 -17.92
CA LYS B 392 -36.66 18.01 -18.94
C LYS B 392 -35.85 18.09 -20.21
N MET B 393 -35.29 19.28 -20.50
CA MET B 393 -34.58 19.52 -21.74
C MET B 393 -33.11 19.10 -21.60
N LYS B 394 -32.60 19.16 -20.36
CA LYS B 394 -31.23 18.79 -20.07
C LYS B 394 -31.06 17.27 -20.23
N PHE B 395 -32.04 16.51 -19.73
CA PHE B 395 -31.98 15.06 -19.72
C PHE B 395 -32.86 14.50 -20.83
N SER B 396 -33.07 15.30 -21.89
CA SER B 396 -33.89 14.91 -23.02
C SER B 396 -33.61 13.46 -23.40
N ASP B 397 -32.33 13.17 -23.65
CA ASP B 397 -31.89 11.86 -24.12
C ASP B 397 -32.26 10.78 -23.11
N LEU B 398 -32.01 11.05 -21.83
CA LEU B 398 -32.21 10.04 -20.80
C LEU B 398 -33.69 9.65 -20.74
N PHE B 399 -34.56 10.66 -20.69
CA PHE B 399 -36.00 10.47 -20.57
C PHE B 399 -36.56 9.85 -21.84
N SER B 400 -36.21 10.44 -22.99
CA SER B 400 -36.73 10.02 -24.28
C SER B 400 -36.24 8.62 -24.64
N LEU B 401 -35.47 8.01 -23.73
CA LEU B 401 -35.05 6.62 -23.89
C LEU B 401 -36.15 5.70 -23.39
N ALA B 402 -37.20 6.27 -22.79
CA ALA B 402 -38.26 5.48 -22.17
C ALA B 402 -39.63 5.84 -22.73
N GLU B 403 -39.66 6.32 -23.98
CA GLU B 403 -40.86 6.86 -24.63
C GLU B 403 -42.02 5.87 -24.49
N GLU B 404 -41.76 4.60 -24.82
CA GLU B 404 -42.78 3.57 -24.85
C GLU B 404 -43.20 3.22 -23.42
N TYR B 405 -44.47 2.81 -23.27
CA TYR B 405 -45.01 2.33 -22.00
C TYR B 405 -46.13 1.32 -22.26
N PRO C 1 24.45 16.37 23.98
CA PRO C 1 25.76 16.99 23.76
C PRO C 1 25.62 18.43 23.27
N GLY C 2 24.74 18.62 22.28
CA GLY C 2 24.42 19.94 21.73
C GLY C 2 23.30 20.62 22.50
N SER C 3 22.68 21.61 21.86
CA SER C 3 21.70 22.49 22.51
C SER C 3 20.34 21.81 22.61
N ALA C 4 19.35 22.56 23.12
CA ALA C 4 17.96 22.12 23.17
C ALA C 4 17.40 22.08 21.74
N MET C 5 17.81 23.07 20.92
CA MET C 5 17.38 23.16 19.54
C MET C 5 17.88 21.96 18.74
N ALA C 6 19.21 21.74 18.73
CA ALA C 6 19.82 20.69 17.95
C ALA C 6 19.22 19.32 18.28
N LYS C 7 19.29 18.94 19.56
CA LYS C 7 18.75 17.68 20.05
C LYS C 7 17.36 17.43 19.46
N LYS C 8 16.56 18.50 19.35
CA LYS C 8 15.16 18.41 18.95
C LYS C 8 15.05 18.43 17.43
N ILE C 9 15.77 19.36 16.78
CA ILE C 9 15.88 19.41 15.33
C ILE C 9 16.22 18.02 14.78
N ASN C 10 17.06 17.28 15.50
CA ASN C 10 17.47 15.97 15.02
C ASN C 10 16.33 14.96 15.16
N ASP C 11 15.44 15.20 16.14
CA ASP C 11 14.28 14.35 16.35
C ASP C 11 13.23 14.65 15.29
N ASP C 12 13.02 15.94 15.03
CA ASP C 12 12.08 16.37 14.01
C ASP C 12 12.49 15.79 12.66
N ILE C 13 13.81 15.77 12.38
CA ILE C 13 14.29 15.23 11.12
C ILE C 13 13.98 13.74 11.05
N LYS C 14 14.44 12.97 12.04
CA LYS C 14 14.26 11.52 12.05
C LYS C 14 12.83 11.17 11.65
N TYR C 15 11.88 11.89 12.25
CA TYR C 15 10.45 11.71 12.05
C TYR C 15 10.10 11.96 10.59
N GLN C 16 10.54 13.13 10.08
CA GLN C 16 10.21 13.58 8.73
C GLN C 16 10.86 12.66 7.70
N LEU C 17 12.02 12.09 8.05
CA LEU C 17 12.78 11.19 7.19
C LEU C 17 11.96 9.91 6.99
N MET C 18 11.28 9.49 8.06
CA MET C 18 10.46 8.29 8.05
C MET C 18 9.18 8.52 7.24
N LYS C 19 8.63 9.73 7.29
CA LYS C 19 7.47 10.10 6.48
C LYS C 19 7.88 10.12 5.01
N GLU C 20 9.13 10.50 4.79
CA GLU C 20 9.61 10.77 3.44
C GLU C 20 9.90 9.46 2.70
N VAL C 21 10.34 8.44 3.45
CA VAL C 21 10.61 7.11 2.91
C VAL C 21 9.28 6.45 2.51
N ARG C 22 8.18 6.86 3.17
CA ARG C 22 6.90 6.21 3.03
C ARG C 22 6.02 6.97 2.05
N ARG C 23 6.62 7.92 1.32
CA ARG C 23 5.93 8.60 0.25
C ARG C 23 5.98 7.71 -0.99
N PHE C 24 4.98 7.88 -1.87
CA PHE C 24 4.96 7.21 -3.15
C PHE C 24 5.76 8.02 -4.16
N GLY C 25 6.40 7.32 -5.09
CA GLY C 25 7.15 7.99 -6.14
C GLY C 25 8.64 7.84 -5.90
N GLN C 26 9.43 8.58 -6.68
CA GLN C 26 10.87 8.37 -6.65
C GLN C 26 11.60 9.71 -6.64
N ASN C 27 11.07 10.64 -5.86
CA ASN C 27 11.72 11.92 -5.61
C ASN C 27 12.33 11.89 -4.20
N TYR C 28 13.65 11.68 -4.14
CA TYR C 28 14.36 11.52 -2.88
C TYR C 28 15.14 12.79 -2.57
N GLU C 29 14.79 13.88 -3.28
CA GLU C 29 15.54 15.11 -3.15
C GLU C 29 15.14 15.77 -1.84
N ARG C 30 13.87 15.56 -1.47
CA ARG C 30 13.31 16.04 -0.22
C ARG C 30 14.04 15.39 0.96
N ILE C 31 14.49 14.15 0.76
CA ILE C 31 15.17 13.39 1.81
C ILE C 31 16.55 13.98 2.05
N PHE C 32 17.28 14.28 0.97
CA PHE C 32 18.64 14.79 1.08
C PHE C 32 18.62 16.23 1.54
N ILE C 33 17.63 16.99 1.07
CA ILE C 33 17.52 18.40 1.42
C ILE C 33 17.46 18.49 2.94
N LEU C 34 16.93 17.41 3.52
CA LEU C 34 16.64 17.25 4.94
C LEU C 34 17.85 16.72 5.69
N LEU C 35 18.48 15.71 5.09
CA LEU C 35 19.64 15.02 5.65
C LEU C 35 20.85 15.95 5.76
N GLU C 36 20.78 17.09 5.04
CA GLU C 36 21.86 18.05 5.01
C GLU C 36 21.73 18.86 6.30
N GLU C 37 20.51 18.90 6.84
CA GLU C 37 20.12 19.77 7.93
C GLU C 37 20.45 19.22 9.33
N VAL C 38 20.82 17.94 9.39
CA VAL C 38 21.16 17.31 10.66
C VAL C 38 22.31 18.03 11.34
N GLN C 39 22.25 18.06 12.67
CA GLN C 39 23.09 18.91 13.50
C GLN C 39 24.08 18.05 14.28
N GLY C 40 25.38 18.38 14.18
CA GLY C 40 26.36 17.72 15.01
C GLY C 40 27.53 17.19 14.20
N SER C 41 28.26 16.25 14.82
CA SER C 41 29.49 15.71 14.26
C SER C 41 29.17 14.80 13.09
N MET C 42 30.16 14.64 12.20
CA MET C 42 30.07 13.76 11.04
C MET C 42 29.61 12.37 11.47
N LYS C 43 29.93 11.98 12.71
CA LYS C 43 29.45 10.73 13.26
C LYS C 43 27.93 10.71 13.18
N VAL C 44 27.27 11.69 13.80
CA VAL C 44 25.82 11.68 13.87
C VAL C 44 25.23 11.94 12.49
N LYS C 45 25.94 12.71 11.64
CA LYS C 45 25.43 12.99 10.31
C LYS C 45 25.37 11.68 9.53
N ARG C 46 26.33 10.79 9.79
CA ARG C 46 26.41 9.53 9.07
C ARG C 46 25.48 8.51 9.73
N GLN C 47 25.11 8.75 10.99
CA GLN C 47 24.15 7.93 11.71
C GLN C 47 22.76 8.13 11.13
N PHE C 48 22.52 9.37 10.66
CA PHE C 48 21.25 9.70 10.02
C PHE C 48 21.14 9.02 8.66
N VAL C 49 22.24 8.94 7.92
CA VAL C 49 22.22 8.22 6.65
C VAL C 49 21.95 6.74 6.93
N GLU C 50 22.79 6.13 7.78
CA GLU C 50 22.69 4.73 8.10
C GLU C 50 21.23 4.36 8.37
N PHE C 51 20.58 5.20 9.18
CA PHE C 51 19.22 4.97 9.62
C PHE C 51 18.27 4.99 8.42
N THR C 52 18.39 6.01 7.56
CA THR C 52 17.53 6.14 6.40
C THR C 52 17.63 4.93 5.48
N ILE C 53 18.82 4.32 5.38
CA ILE C 53 19.03 3.11 4.61
C ILE C 53 18.20 1.96 5.19
N LYS C 54 18.24 1.81 6.52
CA LYS C 54 17.51 0.74 7.21
C LYS C 54 16.02 0.82 6.85
N GLU C 55 15.48 2.05 6.87
CA GLU C 55 14.09 2.32 6.53
C GLU C 55 13.83 1.96 5.08
N ALA C 56 14.63 2.53 4.18
CA ALA C 56 14.37 2.42 2.75
C ALA C 56 14.46 0.96 2.30
N ALA C 57 15.13 0.11 3.11
CA ALA C 57 15.28 -1.30 2.78
C ALA C 57 13.96 -2.02 3.04
N ARG C 58 13.29 -1.63 4.13
CA ARG C 58 12.01 -2.18 4.52
C ARG C 58 10.98 -1.96 3.41
N PHE C 59 11.23 -0.95 2.59
CA PHE C 59 10.29 -0.55 1.55
C PHE C 59 10.92 -0.83 0.18
N LYS C 60 12.10 -1.46 0.23
CA LYS C 60 12.80 -2.01 -0.92
C LYS C 60 13.15 -0.91 -1.93
N LYS C 61 13.44 0.30 -1.44
CA LYS C 61 13.66 1.47 -2.28
C LYS C 61 15.12 1.47 -2.73
N VAL C 62 15.41 0.59 -3.70
CA VAL C 62 16.75 0.19 -4.10
C VAL C 62 17.56 1.38 -4.62
N VAL C 63 16.97 2.18 -5.52
CA VAL C 63 17.66 3.35 -6.05
C VAL C 63 18.05 4.29 -4.90
N LEU C 64 17.10 4.61 -4.01
CA LEU C 64 17.33 5.51 -2.89
C LEU C 64 18.49 5.00 -2.04
N ILE C 65 18.57 3.66 -1.85
CA ILE C 65 19.66 3.11 -1.07
C ILE C 65 20.98 3.37 -1.78
N GLN C 66 20.97 3.29 -3.10
CA GLN C 66 22.19 3.55 -3.85
C GLN C 66 22.69 4.96 -3.52
N GLN C 67 21.78 5.95 -3.56
CA GLN C 67 22.14 7.34 -3.39
C GLN C 67 22.54 7.62 -1.95
N LEU C 68 21.97 6.85 -1.02
CA LEU C 68 22.34 6.99 0.38
C LEU C 68 23.75 6.41 0.56
N GLU C 69 24.05 5.36 -0.23
CA GLU C 69 25.34 4.70 -0.21
C GLU C 69 26.44 5.67 -0.66
N LYS C 70 26.07 6.65 -1.49
CA LYS C 70 27.01 7.59 -2.09
C LYS C 70 27.30 8.70 -1.08
N ALA C 71 26.28 9.08 -0.30
CA ALA C 71 26.47 10.00 0.82
C ALA C 71 27.45 9.38 1.80
N LEU C 72 27.30 8.08 2.02
CA LEU C 72 28.11 7.34 2.97
C LEU C 72 29.54 7.27 2.48
N LYS C 73 29.72 7.09 1.17
CA LYS C 73 31.03 7.12 0.53
C LYS C 73 31.67 8.48 0.79
N GLU C 74 30.90 9.55 0.57
CA GLU C 74 31.39 10.91 0.64
C GLU C 74 31.69 11.30 2.09
N ILE C 75 30.86 10.80 3.01
CA ILE C 75 31.08 11.11 4.41
C ILE C 75 32.33 10.38 4.89
N ASP C 76 32.63 9.23 4.27
CA ASP C 76 33.80 8.45 4.62
C ASP C 76 35.08 9.10 4.08
N SER C 77 35.07 9.44 2.78
CA SER C 77 36.26 10.01 2.18
C SER C 77 36.67 11.26 2.97
N HIS C 78 35.71 12.17 3.19
CA HIS C 78 35.95 13.40 3.94
C HIS C 78 36.60 13.10 5.29
N CYS C 79 36.16 12.01 5.93
CA CYS C 79 36.67 11.65 7.23
C CYS C 79 38.07 11.07 7.13
N HIS C 80 38.35 10.37 6.02
CA HIS C 80 39.67 9.80 5.76
C HIS C 80 40.67 10.93 5.50
N LEU C 81 40.23 11.98 4.81
CA LEU C 81 41.06 13.13 4.51
C LEU C 81 41.27 13.99 5.75
N ARG C 82 40.40 13.85 6.76
CA ARG C 82 40.51 14.61 7.99
C ARG C 82 41.82 14.22 8.68
N LYS C 83 42.04 12.91 8.84
CA LYS C 83 43.21 12.41 9.54
C LYS C 83 44.46 12.77 8.77
N VAL C 84 44.38 12.66 7.44
CA VAL C 84 45.47 12.97 6.52
C VAL C 84 45.86 14.45 6.65
N LYS C 85 44.85 15.33 6.71
CA LYS C 85 45.04 16.77 6.77
C LYS C 85 45.52 17.18 8.17
N HIS C 86 44.79 16.78 9.22
CA HIS C 86 45.21 17.00 10.59
C HIS C 86 46.48 16.20 10.87
#